data_8OOS
#
_entry.id   8OOS
#
_cell.length_a   1.00
_cell.length_b   1.00
_cell.length_c   1.00
_cell.angle_alpha   90.00
_cell.angle_beta   90.00
_cell.angle_gamma   90.00
#
_symmetry.space_group_name_H-M   'P 1'
#
loop_
_entity.id
_entity.type
_entity.pdbx_description
1 polymer 'Chromatin-remodeling ATPase Ino80'
2 polymer 'DNA strand 1'
3 polymer 'DNA Strand 2'
4 polymer 'Histone H3.1'
5 polymer 'Histone H4'
6 polymer 'Histone H2A'
7 polymer 'Histone H2B'
8 non-polymer "ADENOSINE-5'-DIPHOSPHATE"
9 non-polymer 'MAGNESIUM ION'
10 non-polymer 'TETRAFLUOROALUMINATE ION'
#
loop_
_entity_poly.entity_id
_entity_poly.type
_entity_poly.pdbx_seq_one_letter_code
_entity_poly.pdbx_strand_id
1 'polypeptide(L)'
;LELKFQSKGYNQIYDQIWRDLARKDVSKVFRLATDSYATKASNLKKTAILASKEAKRWQLRTNKGTKDLQARAKRVMRDM
MGFWKRNEREERDLRKAAERLELENARKEEADREAARQRRKLNFLISQTELYSHFISKKIKTHEVERSTDHPDVATDEKD
KIPEPTLNINVPEPTGPIAPKVTDFNSLDFDNEDESALQAAAMANAQNAIAEAQKKAREFNKDETKLDEDGEMNFQHPEL
TEFEVAQPKLLNCQLKEYQLKGLNWLVNLYEQGINGILADEMGLGKTVQSISVMAYLAERYDIWGPFLVVAPASTLHNWQ
QEVSKFVPDFKVLPYWGTAADRKVLRKFWDRKHTTYKKDSPFHVMITSYQLVVSDVAYFQKMKWQYMILDEAQAIKSSQS
SRWKCLLGFHCRNRLLLTGTPIQNNMQELWALLHFIMPSLFDSHDEFSEWFSKDIESHAQSNTKLNEDQLKRLHMILKPF
MLRRVKKHVQKELGDKIEIDVFCELSYRQRAMYQSLRNQISIMDLIEKATVGDNEDSATLMNLVMQFRKVCNHPDLFERA
DTSSPFFCGHFAETGSFLREGTNVALGYSTRSLVEYRLPRLIWCDGGRLDKPGPGNLVAGFRSKYLNHMMNIWTPENIRS
SLEGIENFTWLRFVDTSLQEAYRASHTDVFARAVDLASKQNRLGHMQIVYDEPEDKKWTPVHALFQICERENPKAVAEIT
TEGVLRDLMNIARVKYRELGLCRLEKAARPRASAPPIEVVCDSRSAVIERENIMFHPAMRKALFGPTPSEIKEASFGPRP
VTLYPPRALLPAPDHDKQRFTNITVPSMARFVTDSGKLAKLDELLRELKEGGHRVLLYFQMTRMIDLMEEYLTYRNYKYC
RLDGSTKLEDRRDTVADFQTRPEIFIFLLSTRAGGLGINLTTADTVIFYDSDWNPTIDSQAMDRAHRLGQTKQVTVYRLI
TRGTIEERIRKRALQKEEVQRVVITGTGSVDFSGRRPPENRNRDIAMWLADDEQAEMIERREKELIESGEYDKIMQQRRK
GGKRKRGAANGDTVPSLEDMYHEGEGHFDDNKGSGAATPVDADSLGRGGKRKKAGGSKKAKTTKQRLAIADGEIDIDYKD
DDDKGTDYKDDDDK
;
G
2 'polydeoxyribonucleotide'
;(DC)(DT)(DG)(DG)(DA)(DG)(DA)(DA)(DT)(DC)(DC)(DC)(DG)(DG)(DT)(DG)(DC)(DC)(DG)(DA)
(DG)(DG)(DC)(DC)(DG)(DC)(DT)(DC)(DA)(DA)(DT)(DT)(DG)(DG)(DT)(DC)(DG)(DT)(DA)(DG)
(DC)(DA)(DA)(DG)(DC)(DT)(DC)(DT)(DA)(DG)(DC)(DA)(DC)(DC)(DG)(DC)(DT)(DT)(DA)(DA)
(DA)(DC)(DG)(DC)(DA)(DC)(DG)(DT)(DA)(DC)(DG)(DC)(DG)(DC)(DT)(DG)(DT)(DC)(DC)(DC)
(DC)(DC)(DG)(DC)(DG)(DT)(DT)(DT)(DT)(DA)(DA)(DC)(DC)(DG)(DC)(DC)(DA)(DA)(DG)(DG)
(DG)(DG)(DA)(DT)(DT)(DA)(DC)(DT)(DC)(DC)(DC)(DT)(DA)(DG)(DT)(DC)(DT)(DC)(DC)(DA)
(DG)(DG)(DC)(DA)(DC)(DG)(DT)(DG)(DT)(DC)(DA)(DG)(DA)(DT)(DA)(DT)(DA)(DT)(DA)(DC)
(DA)(DT)(DC)(DC)(DT)(DG)(DT)(DG)(DC)(DA)(DT)(DG)(DT)(DA)(DT)(DT)(DG)(DA)(DA)(DC)
(DA)(DG)(DC)(DG)(DA)(DC)(DC)(DT)(DT)(DG)(DC)(DC)(DG)(DG)(DT)(DG)(DC)(DC)(DA)(DG)
(DT)(DC)(DG)(DG)(DA)(DT)(DA)(DG)(DT)(DG)(DT)(DT)(DC)(DC)(DG)(DA)(DG)(DC)(DT)(DC)
(DC)(DC)(DA)(DC)(DT)(DC)(DT)(DA)(DG)(DA)(DG)(DG)(DA)(DT)(DC)(DC)(DC)(DC)(DG)(DG)
(DG)(DT)(DA)(DC)(DC)(DG)
;
K
3 'polydeoxyribonucleotide'
;(DC)(DG)(DG)(DT)(DA)(DC)(DC)(DC)(DG)(DG)(DG)(DG)(DA)(DT)(DC)(DC)(DT)(DC)(DT)(DA)
(DG)(DA)(DG)(DT)(DG)(DG)(DG)(DA)(DG)(DC)(DT)(DC)(DG)(DG)(DA)(DA)(DC)(DA)(DC)(DT)
(DA)(DT)(DC)(DC)(DG)(DA)(DC)(DT)(DG)(DG)(DC)(DA)(DC)(DC)(DG)(DG)(DC)(DA)(DA)(DG)
(DG)(DT)(DC)(DG)(DC)(DT)(DG)(DT)(DT)(DC)(DA)(DA)(DT)(DA)(DC)(DA)(DT)(DG)(DC)(DA)
(DC)(DA)(DG)(DG)(DA)(DT)(DG)(DT)(DA)(DT)(DA)(DT)(DA)(DT)(DC)(DT)(DG)(DA)(DC)(DA)
(DC)(DG)(DT)(DG)(DC)(DC)(DT)(DG)(DG)(DA)(DG)(DA)(DC)(DT)(DA)(DG)(DG)(DG)(DA)(DG)
(DT)(DA)(DA)(DT)(DC)(DC)(DC)(DC)(DT)(DT)(DG)(DG)(DC)(DG)(DG)(DT)(DT)(DA)(DA)(DA)
(DA)(DC)(DG)(DC)(DG)(DG)(DG)(DG)(DG)(DA)(DC)(DA)(DG)(DC)(DG)(DC)(DG)(DT)(DA)(DC)
(DG)(DT)(DG)(DC)(DG)(DT)(DT)(DT)(DA)(DA)(DG)(DC)(DG)(DG)(DT)(DG)(DC)(DT)(DA)(DG)
(DA)(DG)(DC)(DT)(DT)(DG)(DC)(DT)(DA)(DC)(DG)(DA)(DC)(DC)(DA)(DA)(DT)(DT)(DG)(DA)
(DG)(DC)(DG)(DG)(DC)(DC)(DT)(DC)(DG)(DG)(DC)(DA)(DC)(DC)(DG)(DG)(DG)(DA)(DT)(DT)
(DC)(DT)(DC)(DC)(DA)(DG)
;
L
4 'polypeptide(L)'
;ARTKQTARKSTGGKAPRKQLATKAARKSAPATGGVKKPHRYRPGTVALREIRRYQKSTELLIRKLPFQRLVREIAQDFKT
DLRFQSSAVMALQEACEAYLVGLFEDTNLCAIHAKRVTIMPKDIQLARRIRGERA
;
M,Q
5 'polypeptide(L)'
;SGRGKGGKGLGKGGAKRHRKVLRDNIQGITKPAIRRLARRGGVKRISGLIYEETRGVLKVFLENVIRDAVTYTEHAKRKT
VTAMDVVYALKRQGRTLYGFGG
;
N,R
6 'polypeptide(L)'
;SGRGKQGGKARAKAKSRSSRAGLQFPVGRVHRLLRKGNYAERVGAGAPVYLAAVLEYLTAEILELAGNAARDNKKTRIIP
RHLQLAIRNDEELNKLLGRVTIAQGGVLPNIQAVLLPKKTESHHKAKGK
;
O
7 'polypeptide(L)'
;PEPAKSAPAPKKGSKKAVTKAQKKDGKKRKRSRKESYSVYVYKVLKQVHPDTGISSKAMGIMNSFVNDIFERIAGEASRL
AHYNKRSTITSREIQTAVRLLLPGELAKHAVSEGTKAVTKYTSSK
;
P
#
# COMPACT_ATOMS: atom_id res chain seq x y z
N GLN A 247 5.13 -29.30 -45.12
CA GLN A 247 4.48 -28.61 -44.01
C GLN A 247 4.00 -29.60 -42.95
N PRO A 248 3.93 -29.16 -41.69
CA PRO A 248 3.38 -30.01 -40.63
C PRO A 248 1.89 -30.26 -40.83
N LYS A 249 1.52 -31.53 -40.95
CA LYS A 249 0.12 -31.91 -41.07
C LYS A 249 -0.68 -31.50 -39.83
N LEU A 250 0.01 -31.31 -38.71
CA LEU A 250 -0.60 -30.81 -37.47
C LEU A 250 -1.41 -29.54 -37.65
N LEU A 251 -1.14 -28.77 -38.71
CA LEU A 251 -1.83 -27.49 -38.88
C LEU A 251 -3.31 -27.66 -39.18
N ASN A 252 -3.71 -28.79 -39.78
CA ASN A 252 -5.05 -28.95 -40.34
C ASN A 252 -5.40 -27.83 -41.31
N CYS A 253 -4.40 -27.25 -41.96
CA CYS A 253 -4.63 -26.14 -42.87
C CYS A 253 -3.55 -26.14 -43.93
N GLN A 254 -3.88 -25.58 -45.09
CA GLN A 254 -2.87 -25.24 -46.08
C GLN A 254 -2.18 -23.93 -45.71
N LEU A 255 -0.87 -23.89 -45.89
CA LEU A 255 -0.18 -22.64 -46.13
C LEU A 255 -0.39 -22.19 -47.57
N LYS A 256 -0.48 -20.88 -47.77
CA LYS A 256 -0.37 -20.33 -49.10
C LYS A 256 1.04 -20.49 -49.66
N GLU A 257 1.13 -20.41 -51.00
CA GLU A 257 2.39 -20.52 -51.72
C GLU A 257 3.51 -19.69 -51.08
N TYR A 258 3.27 -18.39 -50.92
CA TYR A 258 4.27 -17.49 -50.34
C TYR A 258 4.57 -17.80 -48.88
N GLN A 259 3.55 -18.18 -48.11
CA GLN A 259 3.78 -18.61 -46.73
C GLN A 259 4.62 -19.87 -46.61
N LEU A 260 4.50 -20.79 -47.57
CA LEU A 260 5.29 -22.02 -47.50
C LEU A 260 6.78 -21.77 -47.73
N LYS A 261 7.13 -20.90 -48.69
CA LYS A 261 8.51 -20.44 -48.78
C LYS A 261 8.93 -19.66 -47.53
N GLY A 262 7.99 -18.98 -46.88
CA GLY A 262 8.30 -18.29 -45.63
C GLY A 262 8.62 -19.23 -44.48
N LEU A 263 7.83 -20.30 -44.33
CA LEU A 263 8.17 -21.38 -43.42
C LEU A 263 9.58 -21.91 -43.67
N ASN A 264 9.91 -22.17 -44.95
CA ASN A 264 11.23 -22.69 -45.28
C ASN A 264 12.34 -21.73 -44.84
N TRP A 265 12.16 -20.44 -45.05
CA TRP A 265 13.14 -19.46 -44.57
C TRP A 265 13.28 -19.49 -43.05
N LEU A 266 12.15 -19.47 -42.34
CA LEU A 266 12.18 -19.47 -40.88
C LEU A 266 12.78 -20.75 -40.31
N VAL A 267 12.51 -21.90 -40.94
CA VAL A 267 13.15 -23.16 -40.55
C VAL A 267 14.66 -23.09 -40.77
N ASN A 268 15.08 -22.62 -41.94
CA ASN A 268 16.51 -22.52 -42.25
C ASN A 268 17.26 -21.67 -41.23
N LEU A 269 16.71 -20.54 -40.83
CA LEU A 269 17.34 -19.73 -39.78
C LEU A 269 17.44 -20.48 -38.46
N TYR A 270 16.38 -21.21 -38.09
CA TYR A 270 16.42 -21.97 -36.84
C TYR A 270 17.47 -23.07 -36.88
N GLU A 271 17.45 -23.89 -37.92
CA GLU A 271 18.40 -25.00 -37.99
C GLU A 271 19.84 -24.52 -38.14
N GLN A 272 20.05 -23.35 -38.76
CA GLN A 272 21.37 -22.73 -38.75
C GLN A 272 21.64 -21.90 -37.50
N GLY A 273 20.73 -21.92 -36.53
CA GLY A 273 21.03 -21.33 -35.24
C GLY A 273 21.03 -19.82 -35.20
N ILE A 274 20.28 -19.16 -36.07
CA ILE A 274 20.30 -17.71 -36.18
C ILE A 274 18.88 -17.17 -36.22
N ASN A 275 18.75 -15.90 -35.86
CA ASN A 275 17.47 -15.22 -35.67
C ASN A 275 17.18 -14.31 -36.86
N GLY A 276 15.93 -13.85 -36.93
CA GLY A 276 15.54 -13.03 -38.06
C GLY A 276 14.21 -12.34 -37.82
N ILE A 277 13.86 -11.46 -38.75
CA ILE A 277 12.63 -10.68 -38.74
C ILE A 277 11.75 -11.14 -39.90
N LEU A 278 10.54 -11.60 -39.59
CA LEU A 278 9.49 -11.70 -40.60
C LEU A 278 8.79 -10.35 -40.70
N ALA A 279 9.10 -9.61 -41.77
CA ALA A 279 8.65 -8.24 -41.95
C ALA A 279 7.61 -8.09 -43.07
N ASP A 280 6.89 -9.17 -43.42
CA ASP A 280 5.87 -9.08 -44.46
C ASP A 280 4.88 -7.94 -44.20
N GLU A 281 4.35 -7.39 -45.28
CA GLU A 281 3.36 -6.32 -45.21
C GLU A 281 2.14 -6.74 -44.40
N MET A 282 1.53 -5.75 -43.75
CA MET A 282 0.34 -5.95 -42.93
C MET A 282 -0.74 -6.74 -43.67
N GLY A 283 -1.24 -7.79 -43.01
CA GLY A 283 -2.34 -8.57 -43.53
C GLY A 283 -1.99 -9.71 -44.44
N LEU A 284 -0.70 -9.93 -44.72
CA LEU A 284 -0.27 -11.04 -45.55
C LEU A 284 -0.23 -12.39 -44.83
N GLY A 285 -0.26 -12.40 -43.49
CA GLY A 285 -0.34 -13.66 -42.79
C GLY A 285 0.83 -14.03 -41.90
N LYS A 286 1.47 -13.04 -41.27
CA LYS A 286 2.63 -13.33 -40.44
C LYS A 286 2.24 -14.11 -39.19
N THR A 287 1.07 -13.83 -38.63
CA THR A 287 0.54 -14.62 -37.52
C THR A 287 0.35 -16.09 -37.88
N VAL A 288 0.24 -16.43 -39.15
CA VAL A 288 0.12 -17.84 -39.55
C VAL A 288 1.48 -18.50 -39.70
N GLN A 289 2.42 -17.84 -40.38
CA GLN A 289 3.78 -18.38 -40.49
C GLN A 289 4.40 -18.63 -39.12
N SER A 290 4.11 -17.76 -38.15
CA SER A 290 4.50 -18.00 -36.76
C SER A 290 4.00 -19.32 -36.20
N ILE A 291 2.75 -19.69 -36.49
CA ILE A 291 2.26 -20.99 -36.03
C ILE A 291 2.94 -22.13 -36.78
N SER A 292 3.16 -21.97 -38.08
CA SER A 292 3.71 -23.06 -38.90
C SER A 292 5.06 -23.55 -38.37
N VAL A 293 5.92 -22.62 -37.94
CA VAL A 293 7.22 -23.01 -37.42
C VAL A 293 7.12 -23.75 -36.08
N MET A 294 6.19 -23.34 -35.21
CA MET A 294 5.97 -24.13 -33.99
C MET A 294 5.47 -25.54 -34.32
N ALA A 295 4.51 -25.64 -35.24
CA ALA A 295 3.99 -26.96 -35.60
C ALA A 295 5.06 -27.83 -36.25
N TYR A 296 6.03 -27.21 -36.93
CA TYR A 296 7.19 -27.93 -37.45
C TYR A 296 8.13 -28.37 -36.34
N LEU A 297 8.44 -27.46 -35.40
CA LEU A 297 9.24 -27.85 -34.24
C LEU A 297 8.57 -28.96 -33.44
N ALA A 298 7.24 -28.98 -33.40
CA ALA A 298 6.53 -30.13 -32.86
C ALA A 298 6.75 -31.38 -33.71
N GLU A 299 6.33 -31.33 -34.97
CA GLU A 299 6.28 -32.55 -35.77
C GLU A 299 7.67 -33.05 -36.15
N ARG A 300 8.62 -32.15 -36.39
CA ARG A 300 9.94 -32.55 -36.85
C ARG A 300 10.90 -32.91 -35.72
N TYR A 301 10.77 -32.27 -34.55
CA TYR A 301 11.75 -32.41 -33.49
C TYR A 301 11.13 -32.64 -32.12
N ASP A 302 9.80 -32.64 -32.00
CA ASP A 302 9.09 -32.84 -30.73
C ASP A 302 9.60 -31.91 -29.63
N ILE A 303 9.79 -30.63 -29.98
CA ILE A 303 10.16 -29.64 -28.97
C ILE A 303 8.96 -29.27 -28.10
N TRP A 304 7.78 -29.13 -28.73
CA TRP A 304 6.50 -28.92 -28.03
C TRP A 304 6.56 -27.85 -26.94
N GLY A 305 7.42 -26.85 -27.11
CA GLY A 305 7.50 -25.76 -26.17
C GLY A 305 8.61 -25.88 -25.16
N PRO A 306 8.63 -24.96 -24.19
CA PRO A 306 7.70 -23.83 -24.01
C PRO A 306 7.96 -22.72 -25.02
N PHE A 307 6.91 -22.23 -25.66
CA PHE A 307 6.99 -21.11 -26.59
C PHE A 307 6.33 -19.88 -25.97
N LEU A 308 7.04 -18.76 -25.96
CA LEU A 308 6.49 -17.52 -25.47
C LEU A 308 6.07 -16.66 -26.65
N VAL A 309 4.92 -16.00 -26.52
CA VAL A 309 4.30 -15.29 -27.62
C VAL A 309 3.75 -13.96 -27.08
N VAL A 310 4.50 -12.88 -27.28
CA VAL A 310 4.22 -11.61 -26.62
C VAL A 310 3.64 -10.66 -27.64
N ALA A 311 2.46 -10.13 -27.34
CA ALA A 311 1.59 -9.45 -28.28
C ALA A 311 1.13 -8.12 -27.70
N PRO A 312 0.68 -7.19 -28.54
CA PRO A 312 -0.11 -6.07 -28.05
C PRO A 312 -1.48 -6.54 -27.58
N ALA A 313 -1.98 -5.87 -26.54
CA ALA A 313 -3.07 -6.42 -25.74
C ALA A 313 -4.33 -6.67 -26.55
N SER A 314 -4.68 -5.77 -27.48
CA SER A 314 -5.85 -5.99 -28.32
C SER A 314 -5.69 -7.15 -29.28
N THR A 315 -4.47 -7.61 -29.55
CA THR A 315 -4.25 -8.78 -30.40
C THR A 315 -4.33 -10.10 -29.67
N LEU A 316 -4.36 -10.10 -28.34
CA LEU A 316 -4.20 -11.33 -27.57
C LEU A 316 -5.32 -12.33 -27.83
N HIS A 317 -6.54 -11.85 -28.11
CA HIS A 317 -7.61 -12.75 -28.50
C HIS A 317 -7.53 -13.20 -29.95
N ASN A 318 -6.99 -12.36 -30.84
CA ASN A 318 -6.65 -12.82 -32.18
C ASN A 318 -5.70 -14.01 -32.15
N TRP A 319 -4.66 -13.95 -31.31
CA TRP A 319 -3.75 -15.09 -31.13
C TRP A 319 -4.45 -16.30 -30.51
N GLN A 320 -5.07 -16.12 -29.34
CA GLN A 320 -5.75 -17.22 -28.67
C GLN A 320 -6.68 -18.00 -29.61
N GLN A 321 -7.46 -17.28 -30.42
CA GLN A 321 -8.40 -17.95 -31.32
C GLN A 321 -7.71 -18.55 -32.54
N GLU A 322 -6.88 -17.77 -33.25
CA GLU A 322 -6.22 -18.28 -34.45
C GLU A 322 -5.21 -19.38 -34.14
N VAL A 323 -4.52 -19.33 -33.01
CA VAL A 323 -3.67 -20.44 -32.59
C VAL A 323 -4.52 -21.71 -32.43
N SER A 324 -5.67 -21.58 -31.79
CA SER A 324 -6.58 -22.72 -31.66
C SER A 324 -7.12 -23.17 -33.02
N LYS A 325 -7.26 -22.24 -33.97
CA LYS A 325 -7.68 -22.62 -35.31
C LYS A 325 -6.55 -23.33 -36.07
N PHE A 326 -5.38 -22.70 -36.15
CA PHE A 326 -4.31 -23.19 -37.01
C PHE A 326 -3.51 -24.33 -36.42
N VAL A 327 -3.67 -24.62 -35.12
CA VAL A 327 -3.45 -25.97 -34.62
C VAL A 327 -4.52 -26.33 -33.61
N PRO A 328 -5.51 -27.16 -33.99
CA PRO A 328 -6.55 -27.55 -33.04
C PRO A 328 -6.02 -28.31 -31.84
N ASP A 329 -4.87 -28.98 -31.97
CA ASP A 329 -4.31 -29.83 -30.93
C ASP A 329 -3.26 -29.14 -30.06
N PHE A 330 -2.83 -27.93 -30.39
CA PHE A 330 -1.92 -27.23 -29.51
C PHE A 330 -2.62 -26.87 -28.21
N LYS A 331 -1.82 -26.78 -27.14
CA LYS A 331 -2.32 -26.46 -25.81
C LYS A 331 -1.82 -25.08 -25.41
N VAL A 332 -2.75 -24.17 -25.16
CA VAL A 332 -2.48 -22.74 -25.11
C VAL A 332 -2.70 -22.25 -23.69
N LEU A 333 -1.73 -21.52 -23.16
CA LEU A 333 -1.90 -20.85 -21.88
C LEU A 333 -2.18 -19.37 -22.08
N PRO A 334 -3.35 -18.88 -21.71
CA PRO A 334 -3.65 -17.45 -21.86
C PRO A 334 -3.29 -16.65 -20.60
N TYR A 335 -2.03 -16.23 -20.50
CA TYR A 335 -1.54 -15.55 -19.32
C TYR A 335 -1.91 -14.07 -19.37
N TRP A 336 -3.17 -13.78 -19.02
CA TRP A 336 -3.62 -12.41 -18.82
C TRP A 336 -4.82 -12.42 -17.90
N GLY A 337 -5.09 -11.27 -17.28
CA GLY A 337 -6.07 -11.15 -16.24
C GLY A 337 -5.52 -10.37 -15.06
N THR A 338 -6.34 -10.30 -14.01
CA THR A 338 -5.90 -9.69 -12.76
C THR A 338 -4.79 -10.51 -12.12
N ALA A 339 -4.09 -9.89 -11.17
CA ALA A 339 -2.95 -10.53 -10.52
C ALA A 339 -3.31 -11.87 -9.91
N ALA A 340 -4.48 -11.96 -9.27
CA ALA A 340 -4.95 -13.23 -8.70
C ALA A 340 -5.17 -14.28 -9.78
N ASP A 341 -5.65 -13.88 -10.97
CA ASP A 341 -5.83 -14.82 -12.06
C ASP A 341 -4.49 -15.30 -12.62
N ARG A 342 -3.52 -14.40 -12.73
CA ARG A 342 -2.19 -14.80 -13.20
C ARG A 342 -1.51 -15.74 -12.22
N LYS A 343 -1.65 -15.48 -10.92
CA LYS A 343 -1.17 -16.42 -9.90
C LYS A 343 -1.74 -17.83 -10.09
N VAL A 344 -3.04 -17.92 -10.44
CA VAL A 344 -3.64 -19.21 -10.75
C VAL A 344 -3.10 -19.77 -12.06
N LEU A 345 -2.85 -18.91 -13.05
CA LEU A 345 -2.28 -19.38 -14.31
C LEU A 345 -0.84 -19.83 -14.15
N ARG A 346 -0.06 -19.16 -13.30
CA ARG A 346 1.36 -19.44 -13.18
C ARG A 346 1.66 -20.83 -12.62
N LYS A 347 0.66 -21.49 -12.02
CA LYS A 347 0.83 -22.84 -11.52
C LYS A 347 1.32 -23.84 -12.57
N PHE A 348 1.10 -23.53 -13.85
CA PHE A 348 1.45 -24.41 -14.96
C PHE A 348 2.82 -24.13 -15.57
N TRP A 349 3.54 -23.12 -15.07
CA TRP A 349 4.91 -22.84 -15.52
C TRP A 349 5.87 -23.84 -14.90
N ASP A 350 5.90 -25.04 -15.48
CA ASP A 350 6.82 -26.07 -15.01
C ASP A 350 8.25 -25.67 -15.35
N ARG A 351 9.07 -25.45 -14.31
CA ARG A 351 10.49 -25.15 -14.49
C ARG A 351 11.32 -26.41 -14.69
N LYS A 352 10.85 -27.56 -14.21
CA LYS A 352 11.67 -28.75 -14.07
C LYS A 352 12.00 -29.42 -15.39
N HIS A 353 11.20 -29.19 -16.43
CA HIS A 353 11.52 -29.64 -17.78
C HIS A 353 11.87 -28.43 -18.63
N THR A 354 13.07 -28.41 -19.19
CA THR A 354 13.45 -27.34 -20.10
C THR A 354 12.94 -27.59 -21.52
N THR A 355 12.53 -28.82 -21.83
CA THR A 355 11.82 -29.14 -23.05
C THR A 355 10.53 -29.85 -22.66
N TYR A 356 9.40 -29.37 -23.17
CA TYR A 356 8.13 -29.88 -22.69
C TYR A 356 7.74 -31.17 -23.40
N LYS A 357 7.27 -32.12 -22.60
CA LYS A 357 6.57 -33.30 -23.08
C LYS A 357 5.24 -32.90 -23.72
N LYS A 358 4.80 -33.69 -24.68
CA LYS A 358 3.52 -33.41 -25.33
C LYS A 358 2.36 -33.44 -24.32
N ASP A 359 2.52 -34.16 -23.21
CA ASP A 359 1.57 -34.12 -22.11
C ASP A 359 1.64 -32.83 -21.29
N SER A 360 2.69 -32.02 -21.43
CA SER A 360 2.84 -30.83 -20.61
C SER A 360 1.62 -29.92 -20.71
N PRO A 361 1.23 -29.25 -19.62
CA PRO A 361 -0.04 -28.50 -19.62
C PRO A 361 -0.09 -27.31 -20.58
N PHE A 362 1.01 -26.85 -21.16
CA PHE A 362 0.90 -26.02 -22.37
C PHE A 362 2.09 -26.28 -23.30
N HIS A 363 1.87 -25.96 -24.58
CA HIS A 363 2.93 -25.80 -25.57
C HIS A 363 3.26 -24.34 -25.86
N VAL A 364 2.26 -23.47 -25.89
CA VAL A 364 2.44 -22.08 -26.30
C VAL A 364 1.76 -21.17 -25.29
N MET A 365 2.38 -20.03 -25.00
CA MET A 365 1.86 -19.09 -24.02
C MET A 365 1.76 -17.68 -24.61
N ILE A 366 0.57 -17.10 -24.52
CA ILE A 366 0.26 -15.79 -25.09
C ILE A 366 0.20 -14.78 -23.94
N THR A 367 0.86 -13.64 -24.10
CA THR A 367 0.75 -12.63 -23.04
C THR A 367 1.03 -11.24 -23.59
N SER A 368 0.59 -10.25 -22.80
CA SER A 368 0.74 -8.83 -23.11
C SER A 368 2.18 -8.33 -22.97
N TYR A 369 2.57 -7.42 -23.88
CA TYR A 369 3.82 -6.68 -23.72
C TYR A 369 3.91 -5.93 -22.39
N GLN A 370 2.80 -5.73 -21.69
CA GLN A 370 2.86 -5.15 -20.35
C GLN A 370 3.08 -6.20 -19.26
N LEU A 371 2.67 -7.44 -19.50
CA LEU A 371 2.82 -8.48 -18.50
C LEU A 371 4.26 -8.98 -18.40
N VAL A 372 4.94 -9.15 -19.53
CA VAL A 372 6.36 -9.54 -19.53
C VAL A 372 7.23 -8.57 -18.76
N VAL A 373 6.84 -7.29 -18.69
CA VAL A 373 7.60 -6.37 -17.86
C VAL A 373 7.04 -6.32 -16.43
N SER A 374 5.73 -6.49 -16.26
CA SER A 374 5.14 -6.44 -14.93
C SER A 374 5.49 -7.69 -14.12
N ASP A 375 5.57 -8.85 -14.78
CA ASP A 375 5.91 -10.10 -14.12
C ASP A 375 7.33 -10.57 -14.44
N VAL A 376 8.23 -9.62 -14.73
CA VAL A 376 9.55 -9.97 -15.24
C VAL A 376 10.27 -10.94 -14.30
N ALA A 377 10.13 -10.76 -12.99
CA ALA A 377 10.77 -11.66 -12.03
C ALA A 377 10.22 -13.08 -12.11
N TYR A 378 9.07 -13.27 -12.72
CA TYR A 378 8.52 -14.60 -12.95
C TYR A 378 8.87 -15.11 -14.34
N PHE A 379 9.14 -14.20 -15.26
CA PHE A 379 9.53 -14.54 -16.62
C PHE A 379 11.02 -14.89 -16.69
N GLN A 380 11.83 -14.20 -15.89
CA GLN A 380 13.07 -14.77 -15.40
C GLN A 380 12.74 -15.96 -14.49
N LYS A 381 13.74 -16.82 -14.26
CA LYS A 381 13.52 -18.11 -13.61
C LYS A 381 12.70 -19.04 -14.49
N MET A 382 12.82 -18.85 -15.80
CA MET A 382 12.15 -19.67 -16.80
C MET A 382 13.00 -19.65 -18.07
N LYS A 383 12.82 -20.66 -18.91
CA LYS A 383 13.58 -20.78 -20.14
C LYS A 383 12.67 -21.21 -21.28
N TRP A 384 12.84 -20.57 -22.43
CA TRP A 384 11.92 -20.68 -23.55
C TRP A 384 12.62 -21.32 -24.73
N GLN A 385 11.96 -22.27 -25.38
CA GLN A 385 12.47 -22.88 -26.60
C GLN A 385 12.29 -21.98 -27.81
N TYR A 386 11.31 -21.08 -27.79
CA TYR A 386 11.07 -20.14 -28.86
C TYR A 386 10.31 -18.95 -28.31
N MET A 387 10.52 -17.79 -28.92
CA MET A 387 9.72 -16.61 -28.63
C MET A 387 9.29 -15.93 -29.91
N ILE A 388 8.01 -15.56 -29.97
CA ILE A 388 7.49 -14.63 -30.97
C ILE A 388 7.27 -13.29 -30.30
N LEU A 389 7.72 -12.22 -30.94
CA LEU A 389 7.22 -10.88 -30.64
C LEU A 389 6.29 -10.43 -31.76
N ASP A 390 5.00 -10.35 -31.45
CA ASP A 390 3.93 -10.52 -32.41
C ASP A 390 3.68 -9.27 -33.24
N GLU A 391 4.27 -8.15 -32.84
CA GLU A 391 4.21 -6.89 -33.57
C GLU A 391 5.35 -6.03 -33.05
N ALA A 392 6.58 -6.42 -33.43
CA ALA A 392 7.80 -6.04 -32.73
C ALA A 392 8.16 -4.56 -32.84
N GLN A 393 7.49 -3.77 -33.68
CA GLN A 393 7.70 -2.33 -33.60
C GLN A 393 7.42 -1.77 -32.20
N ALA A 394 6.79 -2.54 -31.31
CA ALA A 394 6.71 -2.17 -29.90
C ALA A 394 8.08 -2.15 -29.23
N ILE A 395 9.07 -2.83 -29.82
CA ILE A 395 10.39 -3.01 -29.23
C ILE A 395 11.37 -1.95 -29.72
N LYS A 396 10.97 -1.16 -30.72
CA LYS A 396 11.87 -0.33 -31.50
C LYS A 396 12.60 0.74 -30.69
N SER A 397 12.16 1.04 -29.47
CA SER A 397 12.94 1.90 -28.59
C SER A 397 13.84 1.06 -27.70
N SER A 398 15.14 1.20 -27.86
CA SER A 398 16.11 0.55 -26.97
C SER A 398 16.06 1.10 -25.56
N GLN A 399 15.47 2.27 -25.35
CA GLN A 399 15.23 2.79 -24.01
C GLN A 399 13.98 2.22 -23.35
N SER A 400 13.14 1.52 -24.10
CA SER A 400 11.96 0.91 -23.50
C SER A 400 12.36 -0.23 -22.59
N SER A 401 11.70 -0.31 -21.43
CA SER A 401 11.89 -1.42 -20.52
C SER A 401 11.51 -2.75 -21.17
N ARG A 402 10.43 -2.77 -21.95
CA ARG A 402 10.09 -3.96 -22.70
C ARG A 402 11.12 -4.34 -23.76
N TRP A 403 12.06 -3.45 -24.09
CA TRP A 403 13.25 -3.89 -24.82
C TRP A 403 14.28 -4.49 -23.87
N LYS A 404 14.62 -3.75 -22.80
CA LYS A 404 15.60 -4.23 -21.82
C LYS A 404 15.23 -5.60 -21.25
N CYS A 405 13.93 -5.83 -21.02
CA CYS A 405 13.49 -7.06 -20.37
C CYS A 405 13.47 -8.24 -21.32
N LEU A 406 12.66 -8.15 -22.39
CA LEU A 406 12.57 -9.24 -23.37
C LEU A 406 13.91 -9.58 -24.00
N LEU A 407 14.87 -8.65 -23.99
CA LEU A 407 16.20 -8.94 -24.53
C LEU A 407 16.84 -10.15 -23.86
N GLY A 408 16.62 -10.32 -22.56
CA GLY A 408 17.35 -11.31 -21.79
C GLY A 408 16.55 -12.47 -21.24
N PHE A 409 15.52 -12.91 -21.95
CA PHE A 409 14.59 -13.90 -21.43
C PHE A 409 15.11 -15.33 -21.49
N HIS A 410 16.38 -15.54 -21.88
CA HIS A 410 16.97 -16.87 -22.00
C HIS A 410 16.18 -17.74 -22.99
N CYS A 411 16.16 -17.30 -24.23
CA CYS A 411 15.36 -17.92 -25.28
C CYS A 411 16.28 -18.43 -26.38
N ARG A 412 16.12 -19.71 -26.74
CA ARG A 412 17.07 -20.35 -27.65
C ARG A 412 16.99 -19.79 -29.06
N ASN A 413 15.80 -19.41 -29.52
CA ASN A 413 15.69 -18.67 -30.77
C ASN A 413 14.56 -17.67 -30.66
N ARG A 414 14.66 -16.59 -31.42
CA ARG A 414 13.69 -15.51 -31.37
C ARG A 414 13.28 -15.08 -32.78
N LEU A 415 11.99 -14.81 -32.96
CA LEU A 415 11.44 -14.32 -34.21
C LEU A 415 10.64 -13.05 -33.95
N LEU A 416 10.89 -12.00 -34.73
CA LEU A 416 10.09 -10.80 -34.70
C LEU A 416 9.13 -10.77 -35.90
N LEU A 417 7.87 -10.43 -35.64
CA LEU A 417 6.94 -10.02 -36.67
C LEU A 417 6.75 -8.52 -36.66
N THR A 418 6.76 -7.89 -37.83
CA THR A 418 6.62 -6.45 -37.90
C THR A 418 5.90 -6.05 -39.18
N GLY A 419 5.29 -4.87 -39.14
CA GLY A 419 4.52 -4.35 -40.25
C GLY A 419 5.39 -3.59 -41.24
N THR A 420 6.15 -2.62 -40.73
CA THR A 420 7.33 -2.11 -41.41
C THR A 420 8.38 -1.71 -40.38
N PRO A 421 9.53 -2.37 -40.39
CA PRO A 421 10.49 -2.18 -39.29
C PRO A 421 11.25 -0.86 -39.31
N ILE A 422 11.29 -0.13 -40.44
CA ILE A 422 12.18 1.02 -40.55
C ILE A 422 11.74 2.16 -39.65
N GLN A 423 10.43 2.38 -39.52
CA GLN A 423 9.84 3.29 -38.55
C GLN A 423 10.51 4.67 -38.68
N ASN A 424 10.96 5.29 -37.59
CA ASN A 424 11.44 6.67 -37.66
C ASN A 424 12.85 6.80 -38.24
N ASN A 425 13.77 5.91 -37.89
CA ASN A 425 15.14 6.05 -38.34
C ASN A 425 15.88 4.72 -38.20
N MET A 426 17.21 4.77 -38.33
CA MET A 426 18.03 3.57 -38.40
C MET A 426 18.47 3.03 -37.05
N GLN A 427 18.77 3.90 -36.07
CA GLN A 427 19.09 3.39 -34.74
C GLN A 427 17.89 2.70 -34.11
N GLU A 428 16.69 3.19 -34.41
CA GLU A 428 15.44 2.54 -34.09
C GLU A 428 15.19 1.27 -34.89
N LEU A 429 15.93 1.06 -35.98
CA LEU A 429 16.05 -0.27 -36.58
C LEU A 429 17.08 -1.14 -35.87
N TRP A 430 18.21 -0.58 -35.48
CA TRP A 430 19.26 -1.35 -34.81
C TRP A 430 18.75 -2.01 -33.54
N ALA A 431 17.89 -1.32 -32.78
CA ALA A 431 17.29 -1.94 -31.60
C ALA A 431 16.55 -3.23 -31.93
N LEU A 432 15.92 -3.30 -33.10
CA LEU A 432 15.27 -4.55 -33.49
C LEU A 432 16.29 -5.58 -33.99
N LEU A 433 17.35 -5.13 -34.67
CA LEU A 433 18.39 -6.05 -35.12
C LEU A 433 19.26 -6.55 -33.98
N HIS A 434 19.69 -5.64 -33.10
CA HIS A 434 20.44 -6.04 -31.90
C HIS A 434 19.66 -7.05 -31.06
N PHE A 435 18.35 -6.83 -30.90
CA PHE A 435 17.52 -7.76 -30.15
C PHE A 435 17.60 -9.20 -30.68
N ILE A 436 17.57 -9.38 -32.00
CA ILE A 436 17.64 -10.75 -32.52
C ILE A 436 19.07 -11.29 -32.55
N MET A 437 20.06 -10.46 -32.84
CA MET A 437 21.44 -10.95 -33.03
C MET A 437 22.43 -9.96 -32.42
N PRO A 438 22.49 -9.92 -31.08
CA PRO A 438 23.40 -8.99 -30.40
C PRO A 438 24.87 -9.40 -30.50
N SER A 439 25.15 -10.63 -30.94
CA SER A 439 26.51 -11.02 -31.30
C SER A 439 27.01 -10.32 -32.56
N LEU A 440 26.11 -9.99 -33.50
CA LEU A 440 26.52 -9.34 -34.74
C LEU A 440 26.40 -7.82 -34.67
N PHE A 441 25.23 -7.30 -34.31
CA PHE A 441 24.95 -5.88 -34.47
C PHE A 441 25.15 -5.17 -33.14
N ASP A 442 25.89 -4.07 -33.17
CA ASP A 442 26.23 -3.33 -31.97
C ASP A 442 26.44 -1.86 -32.33
N SER A 443 26.23 -1.00 -31.35
CA SER A 443 26.36 0.44 -31.56
C SER A 443 26.64 1.17 -30.25
N GLN A 469 25.40 5.86 -46.41
CA GLN A 469 25.81 4.46 -46.51
C GLN A 469 24.67 3.60 -47.02
N LEU A 470 23.53 4.23 -47.26
CA LEU A 470 22.21 3.63 -47.30
C LEU A 470 21.98 2.72 -48.54
N LYS A 471 23.01 2.48 -49.35
CA LYS A 471 22.98 1.43 -50.37
C LYS A 471 23.38 0.06 -49.84
N ARG A 472 24.24 0.01 -48.82
CA ARG A 472 24.78 -1.26 -48.34
C ARG A 472 23.75 -2.06 -47.54
N LEU A 473 22.86 -1.38 -46.82
CA LEU A 473 21.92 -2.04 -45.92
C LEU A 473 21.15 -3.16 -46.60
N HIS A 474 20.64 -2.90 -47.81
CA HIS A 474 19.86 -3.89 -48.55
C HIS A 474 20.59 -5.22 -48.72
N MET A 475 21.91 -5.23 -48.59
CA MET A 475 22.72 -6.42 -48.83
C MET A 475 23.22 -7.07 -47.53
N ILE A 476 22.95 -6.45 -46.39
CA ILE A 476 23.28 -7.04 -45.09
C ILE A 476 22.04 -7.35 -44.26
N LEU A 477 20.91 -6.69 -44.50
CA LEU A 477 19.64 -7.10 -43.89
C LEU A 477 19.04 -8.33 -44.54
N LYS A 478 19.36 -8.59 -45.81
CA LYS A 478 18.79 -9.70 -46.57
C LYS A 478 18.88 -11.06 -45.88
N PRO A 479 19.94 -11.37 -45.13
CA PRO A 479 19.95 -12.66 -44.41
C PRO A 479 19.07 -12.67 -43.18
N PHE A 480 18.70 -11.52 -42.64
CA PHE A 480 18.02 -11.42 -41.35
C PHE A 480 16.58 -10.95 -41.48
N MET A 481 16.12 -10.65 -42.69
CA MET A 481 14.78 -10.11 -42.92
C MET A 481 14.12 -10.80 -44.10
N LEU A 482 12.80 -10.91 -44.02
CA LEU A 482 11.95 -11.32 -45.12
C LEU A 482 10.77 -10.36 -45.22
N ARG A 483 10.53 -9.83 -46.43
CA ARG A 483 9.77 -8.58 -46.59
C ARG A 483 8.96 -8.63 -47.89
N ARG A 484 7.96 -9.51 -47.92
CA ARG A 484 7.09 -9.60 -49.09
C ARG A 484 6.02 -8.52 -49.04
N VAL A 485 5.38 -8.28 -50.19
CA VAL A 485 4.53 -7.10 -50.36
C VAL A 485 3.31 -7.45 -51.19
N LYS A 486 2.19 -6.77 -50.89
CA LYS A 486 0.84 -7.15 -51.29
C LYS A 486 0.52 -6.82 -52.74
N LYS A 487 1.48 -6.25 -53.49
CA LYS A 487 1.38 -6.21 -54.94
C LYS A 487 1.72 -7.54 -55.57
N HIS A 488 2.67 -8.27 -54.97
CA HIS A 488 3.10 -9.56 -55.46
C HIS A 488 2.29 -10.70 -54.85
N VAL A 489 1.55 -10.41 -53.79
CA VAL A 489 0.89 -11.40 -52.95
C VAL A 489 -0.55 -10.98 -52.70
N GLN A 490 -1.47 -11.94 -52.83
CA GLN A 490 -2.91 -11.71 -52.70
C GLN A 490 -3.41 -10.66 -53.69
N LYS A 491 -3.05 -10.85 -54.96
CA LYS A 491 -3.32 -9.89 -56.03
C LYS A 491 -4.81 -9.55 -56.16
N GLU A 492 -5.70 -10.42 -55.68
CA GLU A 492 -7.13 -10.13 -55.68
C GLU A 492 -7.51 -9.00 -54.73
N LEU A 493 -6.68 -8.67 -53.74
CA LEU A 493 -6.90 -7.48 -52.92
C LEU A 493 -6.54 -6.23 -53.72
N GLY A 494 -7.51 -5.80 -54.52
CA GLY A 494 -7.37 -4.57 -55.28
C GLY A 494 -7.01 -3.37 -54.42
N ASP A 495 -6.34 -2.41 -55.05
CA ASP A 495 -5.58 -1.37 -54.38
C ASP A 495 -6.46 -0.56 -53.42
N LYS A 496 -5.80 0.05 -52.43
CA LYS A 496 -6.44 0.97 -51.50
C LYS A 496 -6.82 2.29 -52.15
N ILE A 497 -8.02 2.35 -52.73
CA ILE A 497 -8.57 3.61 -53.22
C ILE A 497 -8.60 4.63 -52.09
N GLU A 498 -8.06 5.83 -52.35
CA GLU A 498 -7.85 6.80 -51.29
C GLU A 498 -8.29 8.19 -51.74
N ILE A 499 -8.91 8.92 -50.82
CA ILE A 499 -9.41 10.28 -51.07
C ILE A 499 -8.97 11.12 -49.87
N ASP A 500 -7.80 11.76 -49.97
CA ASP A 500 -7.49 12.88 -49.08
C ASP A 500 -8.42 14.04 -49.35
N VAL A 501 -9.30 14.34 -48.39
CA VAL A 501 -10.50 15.12 -48.69
C VAL A 501 -10.18 16.62 -48.81
N PHE A 502 -9.20 17.13 -48.06
CA PHE A 502 -8.89 18.56 -48.03
C PHE A 502 -10.13 19.42 -47.80
N CYS A 503 -10.92 19.02 -46.80
CA CYS A 503 -12.07 19.81 -46.34
C CYS A 503 -11.61 21.05 -45.58
N GLU A 504 -12.60 21.86 -45.18
CA GLU A 504 -12.37 23.26 -44.79
C GLU A 504 -12.93 23.53 -43.39
N LEU A 505 -12.24 24.40 -42.65
CA LEU A 505 -12.70 24.89 -41.37
C LEU A 505 -14.08 25.55 -41.47
N SER A 506 -14.76 25.61 -40.33
CA SER A 506 -15.96 26.43 -40.14
C SER A 506 -15.65 27.64 -39.27
N TYR A 507 -16.61 28.57 -39.23
CA TYR A 507 -16.40 29.90 -38.66
C TYR A 507 -15.92 29.84 -37.20
N ARG A 508 -16.53 28.98 -36.39
CA ARG A 508 -16.12 28.83 -35.00
C ARG A 508 -14.69 28.35 -34.87
N GLN A 509 -14.33 27.30 -35.62
CA GLN A 509 -12.96 26.79 -35.58
C GLN A 509 -11.95 27.86 -36.00
N ARG A 510 -12.23 28.59 -37.07
CA ARG A 510 -11.27 29.57 -37.56
C ARG A 510 -11.17 30.80 -36.65
N ALA A 511 -12.24 31.15 -35.93
CA ALA A 511 -12.10 32.13 -34.86
C ALA A 511 -11.15 31.63 -33.77
N MET A 512 -11.32 30.37 -33.35
CA MET A 512 -10.41 29.77 -32.39
C MET A 512 -9.00 29.63 -32.97
N TYR A 513 -8.90 29.08 -34.17
CA TYR A 513 -7.61 28.89 -34.84
C TYR A 513 -6.82 30.20 -34.94
N GLN A 514 -7.48 31.27 -35.37
CA GLN A 514 -6.80 32.57 -35.43
C GLN A 514 -6.38 33.04 -34.04
N SER A 515 -7.26 32.91 -33.04
CA SER A 515 -6.90 33.28 -31.67
C SER A 515 -5.76 32.44 -31.11
N LEU A 516 -5.66 31.19 -31.57
CA LEU A 516 -4.59 30.28 -31.14
C LEU A 516 -3.32 30.45 -31.96
N ARG A 517 -3.47 30.72 -33.26
CA ARG A 517 -2.33 31.02 -34.12
C ARG A 517 -1.66 32.34 -33.76
N ASN A 518 -2.43 33.29 -33.21
CA ASN A 518 -1.85 34.49 -32.61
C ASN A 518 -0.82 34.16 -31.55
N GLN A 519 -1.02 33.08 -30.79
CA GLN A 519 -0.05 32.68 -29.79
C GLN A 519 1.32 32.36 -30.38
N ILE A 520 1.35 31.79 -31.59
CA ILE A 520 2.63 31.57 -32.27
C ILE A 520 3.34 32.90 -32.56
N SER A 521 2.56 33.92 -32.93
CA SER A 521 3.15 35.24 -33.17
C SER A 521 3.67 35.86 -31.87
N ILE A 522 2.98 35.64 -30.76
CA ILE A 522 3.47 36.11 -29.47
C ILE A 522 4.69 35.31 -29.03
N MET A 523 4.71 34.02 -29.32
CA MET A 523 5.84 33.18 -28.94
C MET A 523 7.15 33.69 -29.54
N ASP A 524 8.20 33.63 -28.74
CA ASP A 524 9.58 33.93 -29.16
C ASP A 524 9.67 35.26 -29.91
N THR A 539 6.47 26.82 -27.93
CA THR A 539 5.37 26.28 -27.13
C THR A 539 4.51 25.45 -28.08
N LEU A 540 5.07 25.16 -29.27
CA LEU A 540 4.41 24.24 -30.18
C LEU A 540 4.21 22.86 -29.57
N MET A 541 5.07 22.45 -28.64
CA MET A 541 4.87 21.19 -27.93
C MET A 541 3.50 21.11 -27.24
N ASN A 542 3.00 22.24 -26.75
CA ASN A 542 1.59 22.33 -26.37
C ASN A 542 0.70 22.54 -27.60
N LEU A 543 0.97 23.59 -28.36
CA LEU A 543 -0.01 24.14 -29.29
C LEU A 543 -0.38 23.17 -30.42
N VAL A 544 0.56 22.35 -30.89
CA VAL A 544 0.19 21.41 -31.95
C VAL A 544 -0.95 20.49 -31.50
N MET A 545 -1.00 20.14 -30.22
CA MET A 545 -2.13 19.37 -29.73
C MET A 545 -3.35 20.27 -29.63
N GLN A 546 -3.16 21.48 -29.08
CA GLN A 546 -4.25 22.44 -28.96
C GLN A 546 -4.80 22.88 -30.31
N PHE A 547 -3.94 23.04 -31.32
CA PHE A 547 -4.42 23.22 -32.68
C PHE A 547 -5.20 22.01 -33.18
N ARG A 548 -4.65 20.81 -33.00
CA ARG A 548 -5.31 19.64 -33.57
C ARG A 548 -6.61 19.29 -32.85
N LYS A 549 -6.69 19.62 -31.55
CA LYS A 549 -7.95 19.53 -30.82
C LYS A 549 -9.09 20.30 -31.50
N VAL A 550 -8.88 21.59 -31.78
CA VAL A 550 -9.88 22.36 -32.53
C VAL A 550 -9.94 21.97 -34.00
N CYS A 551 -8.86 21.42 -34.57
CA CYS A 551 -8.99 20.80 -35.89
C CYS A 551 -10.01 19.66 -35.87
N ASN A 552 -10.10 18.93 -34.76
CA ASN A 552 -11.01 17.79 -34.68
C ASN A 552 -12.43 18.24 -34.37
N HIS A 553 -12.62 18.91 -33.23
CA HIS A 553 -13.91 19.51 -32.90
C HIS A 553 -13.73 20.53 -31.79
N PRO A 554 -14.30 21.73 -31.94
CA PRO A 554 -14.10 22.77 -30.93
C PRO A 554 -14.71 22.47 -29.57
N ASP A 555 -15.71 21.59 -29.49
CA ASP A 555 -16.22 21.17 -28.19
C ASP A 555 -15.22 20.37 -27.37
N LEU A 556 -14.14 19.87 -27.97
CA LEU A 556 -13.07 19.26 -27.18
C LEU A 556 -12.36 20.30 -26.32
N PHE A 557 -12.35 21.56 -26.76
CA PHE A 557 -11.64 22.63 -26.09
C PHE A 557 -12.54 23.29 -25.03
N GLU A 558 -13.73 23.71 -25.44
CA GLU A 558 -14.81 24.08 -24.54
C GLU A 558 -16.12 23.75 -25.23
N ARG A 559 -17.10 23.28 -24.46
CA ARG A 559 -18.39 22.89 -24.99
C ARG A 559 -19.25 24.12 -25.26
N ALA A 560 -20.01 24.06 -26.37
CA ALA A 560 -21.11 24.97 -26.60
C ALA A 560 -22.08 24.97 -25.42
N PRO A 826 -25.77 23.64 -27.81
CA PRO A 826 -26.90 22.99 -27.16
C PRO A 826 -27.79 22.21 -28.14
N SER A 827 -27.43 22.22 -29.43
CA SER A 827 -28.26 21.57 -30.44
C SER A 827 -27.37 20.94 -31.51
N MET A 828 -27.92 19.89 -32.13
CA MET A 828 -27.20 19.12 -33.14
C MET A 828 -26.90 19.91 -34.40
N ALA A 829 -27.77 20.84 -34.78
CA ALA A 829 -27.48 21.69 -35.94
C ALA A 829 -26.18 22.46 -35.76
N ARG A 830 -25.99 23.07 -34.58
CA ARG A 830 -24.71 23.71 -34.29
C ARG A 830 -23.58 22.68 -34.23
N PHE A 831 -23.81 21.59 -33.50
CA PHE A 831 -22.75 20.62 -33.23
C PHE A 831 -22.22 19.97 -34.51
N VAL A 832 -23.11 19.59 -35.42
CA VAL A 832 -22.67 19.04 -36.70
C VAL A 832 -21.88 20.05 -37.52
N THR A 833 -22.35 21.30 -37.56
CA THR A 833 -21.85 22.26 -38.55
C THR A 833 -20.72 23.15 -38.05
N ASP A 834 -20.51 23.25 -36.73
CA ASP A 834 -19.42 24.04 -36.18
C ASP A 834 -18.07 23.32 -36.22
N SER A 835 -18.02 22.07 -36.66
CA SER A 835 -16.78 21.43 -37.08
C SER A 835 -16.83 21.15 -38.58
N GLY A 836 -15.83 21.65 -39.30
CA GLY A 836 -15.72 21.35 -40.72
C GLY A 836 -15.56 19.87 -41.01
N LYS A 837 -14.83 19.16 -40.15
CA LYS A 837 -14.72 17.70 -40.28
C LYS A 837 -16.04 17.01 -40.04
N LEU A 838 -16.69 17.33 -38.92
CA LEU A 838 -17.93 16.65 -38.56
C LEU A 838 -19.07 16.95 -39.52
N ALA A 839 -19.08 18.14 -40.11
CA ALA A 839 -19.99 18.41 -41.22
C ALA A 839 -19.71 17.49 -42.40
N LYS A 840 -18.48 17.52 -42.92
CA LYS A 840 -18.12 16.69 -44.06
C LYS A 840 -18.19 15.21 -43.75
N LEU A 841 -17.94 14.83 -42.50
CA LEU A 841 -18.14 13.45 -42.09
C LEU A 841 -19.62 13.06 -42.13
N ASP A 842 -20.47 13.89 -41.53
CA ASP A 842 -21.90 13.59 -41.48
C ASP A 842 -22.49 13.47 -42.89
N GLU A 843 -22.11 14.37 -43.79
CA GLU A 843 -22.49 14.24 -45.20
C GLU A 843 -22.02 12.91 -45.79
N LEU A 844 -20.73 12.59 -45.62
CA LEU A 844 -20.18 11.36 -46.17
C LEU A 844 -20.78 10.11 -45.53
N LEU A 845 -21.01 10.13 -44.22
CA LEU A 845 -21.66 9.00 -43.56
C LEU A 845 -23.08 8.76 -44.09
N ARG A 846 -23.82 9.83 -44.36
CA ARG A 846 -25.12 9.68 -45.02
C ARG A 846 -24.99 9.03 -46.39
N GLU A 847 -24.05 9.52 -47.22
CA GLU A 847 -23.81 8.92 -48.52
C GLU A 847 -23.39 7.45 -48.41
N LEU A 848 -22.54 7.13 -47.42
CA LEU A 848 -22.11 5.75 -47.22
C LEU A 848 -23.25 4.86 -46.71
N LYS A 849 -24.04 5.32 -45.76
CA LYS A 849 -25.15 4.51 -45.25
C LYS A 849 -26.22 4.28 -46.30
N GLU A 850 -26.52 5.30 -47.12
CA GLU A 850 -27.35 5.06 -48.29
C GLU A 850 -26.69 4.11 -49.27
N GLY A 851 -25.35 4.14 -49.36
CA GLY A 851 -24.62 3.19 -50.17
C GLY A 851 -24.58 1.78 -49.60
N GLY A 852 -24.94 1.60 -48.33
CA GLY A 852 -24.82 0.31 -47.66
C GLY A 852 -23.42 -0.02 -47.21
N HIS A 853 -22.53 0.96 -47.16
CA HIS A 853 -21.18 0.78 -46.67
C HIS A 853 -21.15 0.60 -45.15
N ARG A 854 -20.04 0.04 -44.67
CA ARG A 854 -19.78 -0.10 -43.24
C ARG A 854 -18.38 0.47 -43.01
N VAL A 855 -18.25 1.28 -41.97
CA VAL A 855 -17.14 2.23 -41.89
C VAL A 855 -16.40 2.09 -40.57
N LEU A 856 -15.09 2.25 -40.63
CA LEU A 856 -14.22 2.33 -39.46
C LEU A 856 -13.70 3.76 -39.35
N LEU A 857 -13.92 4.39 -38.20
CA LEU A 857 -13.38 5.73 -37.95
C LEU A 857 -12.27 5.66 -36.91
N TYR A 858 -11.11 6.18 -37.25
CA TYR A 858 -9.97 6.24 -36.36
C TYR A 858 -9.82 7.65 -35.81
N PHE A 859 -9.63 7.76 -34.50
CA PHE A 859 -9.39 9.03 -33.84
C PHE A 859 -8.06 8.98 -33.10
N GLN A 860 -7.34 10.11 -33.09
CA GLN A 860 -6.15 10.21 -32.26
C GLN A 860 -6.48 10.59 -30.83
N MET A 861 -7.54 11.36 -30.61
CA MET A 861 -7.94 11.79 -29.28
C MET A 861 -9.18 11.03 -28.85
N THR A 862 -9.11 10.39 -27.68
CA THR A 862 -10.21 9.55 -27.23
C THR A 862 -11.42 10.39 -26.83
N ARG A 863 -11.20 11.62 -26.32
CA ARG A 863 -12.33 12.50 -26.06
C ARG A 863 -13.17 12.76 -27.30
N MET A 864 -12.54 12.75 -28.48
CA MET A 864 -13.30 12.85 -29.72
C MET A 864 -14.13 11.61 -30.01
N ILE A 865 -13.78 10.46 -29.43
CA ILE A 865 -14.63 9.28 -29.54
C ILE A 865 -15.90 9.46 -28.73
N ASP A 866 -15.84 10.20 -27.62
CA ASP A 866 -17.04 10.56 -26.88
C ASP A 866 -17.93 11.53 -27.66
N LEU A 867 -17.34 12.63 -28.14
CA LEU A 867 -18.11 13.60 -28.91
C LEU A 867 -18.74 12.97 -30.14
N MET A 868 -17.97 12.17 -30.88
CA MET A 868 -18.52 11.43 -32.01
C MET A 868 -19.62 10.47 -31.58
N GLU A 869 -19.53 9.92 -30.37
CA GLU A 869 -20.55 9.00 -29.88
C GLU A 869 -21.84 9.71 -29.49
N GLU A 870 -21.76 10.94 -29.00
CA GLU A 870 -22.94 11.79 -28.90
C GLU A 870 -23.60 12.02 -30.27
N TYR A 871 -22.83 12.53 -31.23
CA TYR A 871 -23.35 12.73 -32.58
C TYR A 871 -24.01 11.47 -33.14
N LEU A 872 -23.35 10.33 -32.99
CA LEU A 872 -23.90 9.08 -33.52
C LEU A 872 -25.20 8.68 -32.83
N THR A 873 -25.28 8.82 -31.51
CA THR A 873 -26.51 8.48 -30.80
C THR A 873 -27.63 9.50 -31.06
N TYR A 874 -27.29 10.75 -31.33
CA TYR A 874 -28.27 11.72 -31.80
C TYR A 874 -28.68 11.53 -33.27
N ARG A 875 -28.22 10.45 -33.91
CA ARG A 875 -28.73 10.06 -35.21
C ARG A 875 -29.01 8.56 -35.18
N ASN A 876 -29.40 8.02 -36.34
CA ASN A 876 -29.96 6.68 -36.41
C ASN A 876 -28.93 5.55 -36.47
N TYR A 877 -27.68 5.78 -36.07
CA TYR A 877 -26.59 4.86 -36.41
C TYR A 877 -26.30 3.92 -35.25
N LYS A 878 -26.33 2.62 -35.53
CA LYS A 878 -25.82 1.60 -34.62
C LYS A 878 -24.30 1.49 -34.74
N TYR A 879 -23.62 1.39 -33.60
CA TYR A 879 -22.17 1.47 -33.61
C TYR A 879 -21.56 0.59 -32.53
N CYS A 880 -20.26 0.33 -32.71
CA CYS A 880 -19.35 -0.24 -31.72
C CYS A 880 -18.26 0.77 -31.37
N ARG A 881 -17.71 0.65 -30.16
CA ARG A 881 -16.56 1.44 -29.76
C ARG A 881 -15.44 0.51 -29.28
N LEU A 882 -14.21 0.86 -29.64
CA LEU A 882 -13.03 0.10 -29.20
C LEU A 882 -11.86 1.05 -29.07
N ASP A 883 -11.48 1.38 -27.84
CA ASP A 883 -10.34 2.22 -27.56
C ASP A 883 -9.57 1.64 -26.37
N GLY A 884 -8.48 2.31 -26.01
CA GLY A 884 -7.57 1.82 -24.99
C GLY A 884 -8.08 1.90 -23.56
N SER A 885 -9.30 2.40 -23.37
CA SER A 885 -9.96 2.33 -22.07
C SER A 885 -10.75 1.04 -21.89
N THR A 886 -11.10 0.36 -22.97
CA THR A 886 -11.89 -0.86 -22.87
C THR A 886 -11.09 -1.99 -22.23
N LYS A 887 -11.80 -2.86 -21.52
CA LYS A 887 -11.25 -4.11 -21.04
C LYS A 887 -11.19 -5.13 -22.16
N LEU A 888 -10.26 -6.09 -22.01
CA LEU A 888 -9.92 -6.98 -23.12
C LEU A 888 -11.10 -7.82 -23.58
N GLU A 889 -11.98 -8.23 -22.65
CA GLU A 889 -13.16 -8.99 -23.05
C GLU A 889 -14.15 -8.13 -23.82
N ASP A 890 -14.21 -6.83 -23.53
CA ASP A 890 -15.01 -5.92 -24.33
C ASP A 890 -14.43 -5.76 -25.73
N ARG A 891 -13.11 -5.85 -25.88
CA ARG A 891 -12.48 -5.82 -27.19
C ARG A 891 -12.81 -7.06 -28.01
N ARG A 892 -12.62 -8.24 -27.43
CA ARG A 892 -13.04 -9.49 -28.04
C ARG A 892 -14.48 -9.44 -28.56
N ASP A 893 -15.42 -9.08 -27.69
CA ASP A 893 -16.84 -9.16 -28.04
C ASP A 893 -17.28 -8.08 -29.02
N THR A 894 -16.84 -6.84 -28.84
CA THR A 894 -17.20 -5.79 -29.80
C THR A 894 -16.66 -6.06 -31.19
N VAL A 895 -15.46 -6.64 -31.30
CA VAL A 895 -14.96 -7.00 -32.63
C VAL A 895 -15.78 -8.15 -33.20
N ALA A 896 -16.12 -9.14 -32.37
CA ALA A 896 -17.00 -10.22 -32.81
C ALA A 896 -18.39 -9.72 -33.15
N ASP A 897 -18.94 -8.81 -32.35
CA ASP A 897 -20.24 -8.23 -32.64
C ASP A 897 -20.26 -7.50 -33.98
N PHE A 898 -19.29 -6.62 -34.20
CA PHE A 898 -19.18 -5.93 -35.50
C PHE A 898 -19.10 -6.92 -36.65
N GLN A 899 -18.21 -7.90 -36.56
CA GLN A 899 -18.09 -8.92 -37.60
C GLN A 899 -19.32 -9.79 -37.74
N THR A 900 -20.17 -9.87 -36.72
CA THR A 900 -21.33 -10.76 -36.79
C THR A 900 -22.41 -10.24 -37.74
N ARG A 901 -22.74 -8.94 -37.64
CA ARG A 901 -24.03 -8.46 -38.15
C ARG A 901 -23.99 -7.13 -38.89
N PRO A 902 -24.55 -7.07 -40.10
CA PRO A 902 -24.42 -5.89 -40.97
C PRO A 902 -25.33 -4.73 -40.59
N GLU A 903 -26.18 -4.89 -39.58
CA GLU A 903 -26.96 -3.76 -39.09
C GLU A 903 -26.08 -2.69 -38.46
N ILE A 904 -24.93 -3.07 -37.93
CA ILE A 904 -24.02 -2.09 -37.32
C ILE A 904 -23.37 -1.30 -38.44
N PHE A 905 -23.55 0.02 -38.42
CA PHE A 905 -23.03 0.87 -39.48
C PHE A 905 -21.56 1.20 -39.29
N ILE A 906 -21.18 1.63 -38.09
CA ILE A 906 -19.91 2.30 -37.86
C ILE A 906 -19.21 1.65 -36.68
N PHE A 907 -17.90 1.51 -36.80
CA PHE A 907 -17.01 1.10 -35.71
C PHE A 907 -16.10 2.27 -35.36
N LEU A 908 -16.16 2.72 -34.11
CA LEU A 908 -15.19 3.70 -33.63
C LEU A 908 -14.00 2.98 -33.01
N LEU A 909 -12.81 3.32 -33.49
CA LEU A 909 -11.57 2.69 -33.07
C LEU A 909 -10.59 3.79 -32.69
N SER A 910 -9.88 3.61 -31.58
CA SER A 910 -8.74 4.47 -31.32
C SER A 910 -7.55 4.05 -32.18
N THR A 911 -6.73 5.03 -32.55
CA THR A 911 -5.70 4.82 -33.55
C THR A 911 -4.76 3.67 -33.19
N ARG A 912 -4.25 3.66 -31.96
CA ARG A 912 -3.27 2.67 -31.56
C ARG A 912 -3.92 1.41 -30.97
N ALA A 913 -4.67 1.57 -29.88
CA ALA A 913 -5.37 0.45 -29.26
C ALA A 913 -6.20 -0.32 -30.28
N GLY A 914 -6.85 0.38 -31.21
CA GLY A 914 -7.66 -0.23 -32.24
C GLY A 914 -7.01 -0.43 -33.58
N GLY A 915 -5.75 -0.06 -33.74
CA GLY A 915 -5.09 -0.04 -35.04
C GLY A 915 -4.30 -1.29 -35.41
N LEU A 916 -3.72 -1.95 -34.42
CA LEU A 916 -2.56 -2.81 -34.64
C LEU A 916 -2.88 -4.13 -35.36
N GLY A 917 -3.59 -5.05 -34.72
CA GLY A 917 -3.60 -6.39 -35.28
C GLY A 917 -4.75 -7.32 -34.99
N ILE A 918 -5.96 -6.96 -35.44
CA ILE A 918 -7.04 -7.92 -35.55
C ILE A 918 -7.94 -7.54 -36.73
N ASN A 919 -8.51 -8.56 -37.36
CA ASN A 919 -9.24 -8.39 -38.62
C ASN A 919 -10.55 -7.64 -38.45
N LEU A 920 -10.88 -6.81 -39.46
CA LEU A 920 -12.19 -6.17 -39.58
C LEU A 920 -12.66 -6.27 -41.02
N THR A 921 -12.52 -7.46 -41.61
CA THR A 921 -12.67 -7.74 -43.03
C THR A 921 -14.12 -7.65 -43.54
N THR A 922 -15.10 -7.28 -42.71
CA THR A 922 -16.43 -6.98 -43.22
C THR A 922 -16.80 -5.50 -43.10
N ALA A 923 -15.85 -4.64 -42.75
CA ALA A 923 -15.93 -3.25 -43.16
C ALA A 923 -15.61 -3.12 -44.64
N ASP A 924 -15.81 -1.91 -45.17
CA ASP A 924 -15.31 -1.58 -46.50
C ASP A 924 -14.77 -0.17 -46.63
N THR A 925 -14.94 0.69 -45.62
CA THR A 925 -14.53 2.08 -45.72
C THR A 925 -13.80 2.45 -44.43
N VAL A 926 -12.67 3.14 -44.58
CA VAL A 926 -11.87 3.60 -43.45
C VAL A 926 -11.78 5.11 -43.51
N ILE A 927 -12.15 5.78 -42.43
CA ILE A 927 -12.03 7.23 -42.33
C ILE A 927 -11.09 7.55 -41.19
N PHE A 928 -9.98 8.21 -41.51
CA PHE A 928 -9.14 8.85 -40.50
C PHE A 928 -9.69 10.23 -40.20
N TYR A 929 -10.51 10.31 -39.16
CA TYR A 929 -10.95 11.61 -38.67
C TYR A 929 -9.79 12.42 -38.13
N ASP A 930 -8.79 11.74 -37.56
CA ASP A 930 -7.50 12.36 -37.30
C ASP A 930 -6.42 11.35 -37.69
N SER A 931 -5.22 11.86 -37.96
CA SER A 931 -4.15 11.06 -38.54
C SER A 931 -2.99 10.90 -37.56
N ASP A 932 -2.40 9.72 -37.54
CA ASP A 932 -1.19 9.48 -36.76
C ASP A 932 0.01 10.13 -37.41
N TRP A 933 0.79 10.82 -36.60
CA TRP A 933 1.91 11.63 -37.04
C TRP A 933 3.12 10.78 -37.40
N ASN A 934 3.20 9.54 -36.91
CA ASN A 934 3.94 8.45 -37.53
C ASN A 934 3.10 7.75 -38.60
N PRO A 935 3.49 7.83 -39.87
CA PRO A 935 2.67 7.28 -40.95
C PRO A 935 2.46 5.77 -40.89
N THR A 936 3.36 5.01 -40.27
CA THR A 936 3.25 3.56 -40.25
C THR A 936 2.01 3.07 -39.51
N ILE A 937 1.57 3.80 -38.50
CA ILE A 937 0.48 3.35 -37.65
C ILE A 937 -0.88 3.54 -38.33
N ASP A 938 -1.03 4.62 -39.08
CA ASP A 938 -2.14 4.74 -40.02
C ASP A 938 -2.15 3.65 -41.08
N SER A 939 -0.98 3.14 -41.47
CA SER A 939 -0.97 2.07 -42.48
C SER A 939 -1.50 0.75 -41.91
N GLN A 940 -1.11 0.41 -40.68
CA GLN A 940 -1.67 -0.75 -39.99
C GLN A 940 -3.19 -0.64 -39.84
N ALA A 941 -3.67 0.54 -39.43
CA ALA A 941 -5.10 0.80 -39.33
C ALA A 941 -5.83 0.55 -40.64
N MET A 942 -5.34 1.12 -41.75
CA MET A 942 -5.93 0.86 -43.06
C MET A 942 -5.99 -0.63 -43.39
N ASP A 943 -4.96 -1.39 -43.01
CA ASP A 943 -4.88 -2.81 -43.33
C ASP A 943 -5.56 -3.73 -42.32
N ARG A 944 -6.15 -3.18 -41.25
CA ARG A 944 -7.19 -3.93 -40.54
C ARG A 944 -8.44 -4.12 -41.38
N ALA A 945 -8.73 -3.18 -42.28
CA ALA A 945 -9.74 -3.40 -43.31
C ALA A 945 -9.16 -4.08 -44.55
N HIS A 946 -8.11 -3.50 -45.11
CA HIS A 946 -7.49 -3.98 -46.35
C HIS A 946 -6.60 -5.17 -46.03
N ARG A 947 -7.15 -6.37 -46.17
CA ARG A 947 -6.70 -7.55 -45.47
C ARG A 947 -7.16 -8.78 -46.23
N LEU A 948 -6.48 -9.90 -46.00
CA LEU A 948 -6.92 -11.17 -46.56
C LEU A 948 -8.33 -11.50 -46.07
N GLY A 949 -9.17 -11.95 -46.99
CA GLY A 949 -10.58 -12.09 -46.72
C GLY A 949 -11.43 -10.84 -46.88
N GLN A 950 -10.83 -9.71 -47.28
CA GLN A 950 -11.60 -8.48 -47.43
C GLN A 950 -12.70 -8.63 -48.48
N THR A 951 -13.94 -8.41 -48.03
CA THR A 951 -15.10 -8.85 -48.79
C THR A 951 -15.31 -8.01 -50.05
N LYS A 952 -15.00 -6.73 -49.99
CA LYS A 952 -15.31 -5.79 -51.06
C LYS A 952 -14.15 -4.81 -51.22
N GLN A 953 -14.12 -4.15 -52.38
CA GLN A 953 -13.19 -3.06 -52.62
C GLN A 953 -13.19 -2.05 -51.48
N VAL A 954 -12.03 -1.86 -50.86
CA VAL A 954 -11.88 -0.87 -49.81
C VAL A 954 -11.86 0.52 -50.43
N THR A 955 -12.36 1.49 -49.68
CA THR A 955 -12.00 2.89 -49.88
C THR A 955 -11.54 3.49 -48.57
N VAL A 956 -10.64 4.47 -48.67
CA VAL A 956 -10.12 5.18 -47.52
C VAL A 956 -10.36 6.67 -47.72
N TYR A 957 -10.82 7.35 -46.68
CA TYR A 957 -10.93 8.80 -46.68
C TYR A 957 -10.08 9.35 -45.55
N ARG A 958 -9.51 10.54 -45.77
CA ARG A 958 -8.83 11.26 -44.70
C ARG A 958 -9.28 12.71 -44.71
N LEU A 959 -9.74 13.18 -43.55
CA LEU A 959 -10.46 14.46 -43.46
C LEU A 959 -9.48 15.62 -43.18
N ILE A 960 -8.54 15.81 -44.11
CA ILE A 960 -7.58 16.89 -43.98
C ILE A 960 -8.31 18.22 -43.96
N THR A 961 -8.11 19.00 -42.90
CA THR A 961 -8.56 20.39 -42.87
C THR A 961 -7.50 21.28 -43.51
N ARG A 962 -7.84 21.85 -44.66
CA ARG A 962 -6.97 22.80 -45.35
C ARG A 962 -6.57 23.95 -44.43
N GLY A 963 -5.31 24.36 -44.55
CA GLY A 963 -4.79 25.51 -43.84
C GLY A 963 -4.47 25.32 -42.37
N THR A 964 -4.80 24.17 -41.79
CA THR A 964 -4.52 23.93 -40.39
C THR A 964 -3.19 23.20 -40.21
N ILE A 965 -2.77 23.07 -38.95
CA ILE A 965 -1.63 22.25 -38.54
C ILE A 965 -1.77 20.80 -39.02
N GLU A 966 -2.99 20.36 -39.30
CA GLU A 966 -3.20 19.06 -39.94
C GLU A 966 -2.43 18.91 -41.24
N GLU A 967 -2.22 20.01 -41.98
CA GLU A 967 -1.42 19.93 -43.20
C GLU A 967 0.01 19.48 -42.94
N ARG A 968 0.68 20.12 -41.98
CA ARG A 968 2.05 19.73 -41.62
C ARG A 968 2.18 18.23 -41.34
N ILE A 969 1.24 17.70 -40.57
CA ILE A 969 1.30 16.31 -40.11
C ILE A 969 1.22 15.33 -41.28
N ARG A 970 0.23 15.48 -42.15
CA ARG A 970 0.11 14.60 -43.30
C ARG A 970 1.21 14.83 -44.34
N LYS A 971 1.70 16.06 -44.48
CA LYS A 971 2.90 16.28 -45.29
C LYS A 971 4.09 15.51 -44.75
N ARG A 972 4.32 15.57 -43.43
CA ARG A 972 5.48 14.89 -42.85
C ARG A 972 5.31 13.38 -42.79
N ALA A 973 4.08 12.89 -42.59
CA ALA A 973 3.79 11.48 -42.83
C ALA A 973 4.04 11.08 -44.28
N LEU A 974 3.72 11.96 -45.23
CA LEU A 974 4.05 11.70 -46.64
C LEU A 974 5.56 11.62 -46.86
N GLN A 975 6.32 12.55 -46.27
CA GLN A 975 7.77 12.49 -46.32
C GLN A 975 8.33 11.20 -45.70
N LYS A 976 7.88 10.87 -44.48
CA LYS A 976 8.42 9.71 -43.77
C LYS A 976 8.12 8.38 -44.45
N GLU A 977 6.95 8.22 -45.06
CA GLU A 977 6.70 7.01 -45.83
C GLU A 977 7.54 6.91 -47.09
N GLU A 978 7.91 8.05 -47.69
CA GLU A 978 8.91 8.01 -48.77
C GLU A 978 10.28 7.58 -48.27
N VAL A 979 10.76 8.19 -47.18
CA VAL A 979 12.02 7.80 -46.56
C VAL A 979 12.07 6.31 -46.24
N GLN A 980 10.97 5.77 -45.70
CA GLN A 980 10.89 4.34 -45.41
C GLN A 980 10.94 3.44 -46.65
N ARG A 981 10.67 3.97 -47.84
CA ARG A 981 10.94 3.20 -49.05
C ARG A 981 12.30 3.48 -49.69
N VAL A 982 13.02 4.50 -49.24
CA VAL A 982 14.46 4.54 -49.48
C VAL A 982 15.15 3.40 -48.75
N VAL A 983 14.82 3.21 -47.48
CA VAL A 983 15.53 2.26 -46.63
C VAL A 983 15.15 0.80 -46.90
N ILE A 984 13.99 0.52 -47.49
CA ILE A 984 13.66 -0.83 -47.92
C ILE A 984 13.09 -0.81 -49.33
N THR A 985 13.56 -1.74 -50.16
CA THR A 985 12.79 -2.30 -51.28
C THR A 985 13.45 -3.61 -51.68
N GLY A 986 12.76 -4.73 -51.44
CA GLY A 986 13.28 -6.03 -51.79
C GLY A 986 12.83 -7.16 -50.87
N THR A 987 12.62 -8.35 -51.46
CA THR A 987 12.00 -9.46 -50.74
C THR A 987 12.78 -9.87 -49.49
N GLY A 988 14.09 -9.67 -49.48
CA GLY A 988 14.91 -10.27 -48.44
C GLY A 988 15.29 -11.70 -48.78
N SER A 989 15.41 -12.53 -47.74
CA SER A 989 16.04 -13.85 -47.81
C SER A 989 17.48 -13.76 -48.30
N LEU D 61 4.13 25.48 51.20
CA LEU D 61 3.13 24.82 52.03
C LEU D 61 3.75 23.77 52.94
N ILE D 62 4.49 22.83 52.35
CA ILE D 62 5.34 21.94 53.13
C ILE D 62 6.56 22.70 53.65
N ARG D 63 6.96 22.39 54.87
CA ARG D 63 8.13 23.01 55.48
C ARG D 63 9.40 22.53 54.78
N LYS D 64 10.31 23.46 54.50
CA LYS D 64 11.43 23.17 53.60
C LYS D 64 12.41 22.16 54.18
N LEU D 65 12.89 22.40 55.40
CA LEU D 65 13.84 21.48 56.03
C LEU D 65 13.36 20.04 56.15
N PRO D 66 12.16 19.73 56.68
CA PRO D 66 11.72 18.34 56.71
C PRO D 66 11.48 17.70 55.35
N PHE D 67 11.28 18.49 54.30
CA PHE D 67 11.29 17.94 52.95
C PHE D 67 12.70 17.62 52.44
N GLN D 68 13.68 18.48 52.73
CA GLN D 68 15.07 18.11 52.44
C GLN D 68 15.44 16.77 53.05
N ARG D 69 15.22 16.61 54.37
CA ARG D 69 15.56 15.37 55.03
C ARG D 69 14.79 14.18 54.46
N LEU D 70 13.54 14.38 54.08
CA LEU D 70 12.79 13.35 53.38
C LEU D 70 13.44 12.98 52.05
N VAL D 71 13.90 13.99 51.30
CA VAL D 71 14.62 13.75 50.05
C VAL D 71 15.91 12.96 50.31
N ARG D 72 16.72 13.41 51.27
CA ARG D 72 17.95 12.70 51.62
C ARG D 72 17.66 11.24 51.98
N GLU D 73 16.74 11.04 52.93
CA GLU D 73 16.35 9.69 53.34
C GLU D 73 15.92 8.80 52.18
N ILE D 74 15.11 9.32 51.26
CA ILE D 74 14.72 8.53 50.10
C ILE D 74 15.91 8.25 49.19
N ALA D 75 16.74 9.25 48.94
CA ALA D 75 17.85 9.12 47.99
C ALA D 75 18.89 8.11 48.44
N GLN D 76 19.14 8.05 49.76
CA GLN D 76 20.10 7.09 50.31
C GLN D 76 19.86 5.65 49.92
N ASP D 77 18.64 5.29 49.48
CA ASP D 77 18.43 3.94 48.97
C ASP D 77 19.17 3.72 47.65
N PHE D 78 19.26 4.75 46.81
CA PHE D 78 19.75 4.59 45.44
C PHE D 78 21.25 4.78 45.31
N LYS D 79 21.81 5.77 46.01
CA LYS D 79 23.26 5.97 46.02
C LYS D 79 23.62 6.68 47.32
N THR D 80 24.49 6.04 48.10
CA THR D 80 24.95 6.63 49.35
C THR D 80 25.77 7.89 49.12
N ASP D 81 25.54 8.89 49.97
CA ASP D 81 26.29 10.16 49.96
C ASP D 81 26.23 10.84 48.60
N LEU D 82 25.05 10.85 47.98
CA LEU D 82 24.74 11.82 46.95
C LEU D 82 24.79 13.24 47.53
N ARG D 83 24.87 14.22 46.64
CA ARG D 83 24.70 15.60 47.01
C ARG D 83 23.54 16.18 46.21
N PHE D 84 22.82 17.13 46.81
CA PHE D 84 21.69 17.77 46.14
C PHE D 84 21.91 19.28 46.05
N GLN D 85 21.88 19.81 44.83
CA GLN D 85 21.91 21.26 44.65
C GLN D 85 20.66 21.88 45.27
N SER D 86 20.84 23.03 45.92
CA SER D 86 19.74 23.68 46.63
C SER D 86 18.53 23.90 45.72
N SER D 87 18.77 24.25 44.46
CA SER D 87 17.69 24.36 43.48
C SER D 87 17.05 23.03 43.14
N ALA D 88 17.77 21.93 43.25
CA ALA D 88 17.19 20.62 42.94
C ALA D 88 16.18 20.18 44.00
N VAL D 89 16.40 20.54 45.26
CA VAL D 89 15.40 20.30 46.29
C VAL D 89 14.10 21.05 45.98
N MET D 90 14.21 22.34 45.69
CA MET D 90 13.01 23.12 45.37
C MET D 90 12.31 22.61 44.13
N ALA D 91 13.05 22.15 43.13
CA ALA D 91 12.42 21.54 41.96
C ALA D 91 11.67 20.27 42.31
N LEU D 92 12.13 19.51 43.32
CA LEU D 92 11.35 18.38 43.79
C LEU D 92 10.15 18.82 44.63
N GLN D 93 10.36 19.77 45.54
CA GLN D 93 9.27 20.22 46.41
C GLN D 93 8.14 20.86 45.61
N GLU D 94 8.48 21.76 44.69
CA GLU D 94 7.46 22.43 43.87
C GLU D 94 6.72 21.46 42.96
N ALA D 95 7.33 20.32 42.63
CA ALA D 95 6.62 19.26 41.91
C ALA D 95 5.75 18.41 42.82
N CYS D 96 6.20 18.16 44.05
CA CYS D 96 5.41 17.36 44.99
C CYS D 96 4.17 18.12 45.47
N GLU D 97 4.32 19.38 45.85
CA GLU D 97 3.16 20.20 46.21
C GLU D 97 2.15 20.29 45.07
N ALA D 98 2.63 20.53 43.86
CA ALA D 98 1.73 20.58 42.70
C ALA D 98 1.07 19.23 42.43
N TYR D 99 1.77 18.14 42.68
CA TYR D 99 1.18 16.81 42.49
C TYR D 99 0.12 16.51 43.54
N LEU D 100 0.41 16.79 44.81
CA LEU D 100 -0.57 16.55 45.87
C LEU D 100 -1.79 17.46 45.75
N VAL D 101 -1.60 18.75 45.46
CA VAL D 101 -2.73 19.64 45.20
C VAL D 101 -3.58 19.12 44.05
N GLY D 102 -2.94 18.73 42.95
CA GLY D 102 -3.69 18.24 41.81
C GLY D 102 -4.38 16.91 42.03
N LEU D 103 -3.86 16.08 42.94
CA LEU D 103 -4.57 14.87 43.32
C LEU D 103 -5.75 15.13 44.27
N PHE D 104 -5.58 16.03 45.24
CA PHE D 104 -6.69 16.36 46.13
C PHE D 104 -7.88 16.96 45.39
N GLU D 105 -7.62 17.75 44.35
CA GLU D 105 -8.69 18.14 43.43
C GLU D 105 -9.46 16.93 42.91
N ASP D 106 -8.76 15.97 42.33
CA ASP D 106 -9.41 14.79 41.78
C ASP D 106 -10.10 13.93 42.83
N THR D 107 -9.59 13.91 44.07
CA THR D 107 -10.31 13.23 45.14
C THR D 107 -11.56 13.97 45.56
N ASN D 108 -11.52 15.30 45.57
CA ASN D 108 -12.70 16.07 45.99
C ASN D 108 -13.88 15.86 45.07
N LEU D 109 -13.62 15.72 43.76
CA LEU D 109 -14.66 15.32 42.82
C LEU D 109 -15.21 13.94 43.14
N CYS D 110 -14.36 13.00 43.55
CA CYS D 110 -14.83 11.68 43.94
C CYS D 110 -15.74 11.74 45.17
N ALA D 111 -15.34 12.51 46.18
CA ALA D 111 -16.21 12.74 47.34
C ALA D 111 -17.54 13.36 46.92
N ILE D 112 -17.47 14.49 46.22
CA ILE D 112 -18.66 15.20 45.78
C ILE D 112 -19.55 14.31 44.91
N HIS D 113 -18.94 13.43 44.11
CA HIS D 113 -19.73 12.50 43.31
C HIS D 113 -20.43 11.46 44.17
N ALA D 114 -19.76 10.95 45.21
CA ALA D 114 -20.39 10.05 46.17
C ALA D 114 -21.25 10.78 47.21
N LYS D 115 -21.58 12.06 46.98
CA LYS D 115 -22.42 12.91 47.81
C LYS D 115 -21.83 13.25 49.17
N ARG D 116 -20.64 12.75 49.49
CA ARG D 116 -19.89 13.27 50.63
C ARG D 116 -19.44 14.70 50.39
N VAL D 117 -19.08 15.40 51.46
CA VAL D 117 -18.14 16.52 51.37
C VAL D 117 -16.80 16.22 52.01
N THR D 118 -16.69 15.12 52.77
CA THR D 118 -15.48 14.77 53.49
C THR D 118 -14.68 13.77 52.66
N ILE D 119 -13.49 14.17 52.20
CA ILE D 119 -12.68 13.28 51.39
C ILE D 119 -12.20 12.10 52.24
N MET D 120 -12.05 10.95 51.61
CA MET D 120 -11.91 9.68 52.30
C MET D 120 -10.89 8.87 51.52
N PRO D 121 -10.16 7.95 52.17
CA PRO D 121 -9.10 7.21 51.46
C PRO D 121 -9.55 6.52 50.18
N LYS D 122 -10.76 5.98 50.13
CA LYS D 122 -11.27 5.40 48.89
C LYS D 122 -11.44 6.43 47.77
N ASP D 123 -11.42 7.73 48.09
CA ASP D 123 -11.41 8.75 47.05
C ASP D 123 -10.02 8.92 46.43
N ILE D 124 -8.99 8.98 47.26
CA ILE D 124 -7.61 8.95 46.77
C ILE D 124 -7.38 7.72 45.90
N GLN D 125 -7.84 6.56 46.36
CA GLN D 125 -7.63 5.33 45.62
C GLN D 125 -8.41 5.31 44.30
N LEU D 126 -9.60 5.91 44.27
CA LEU D 126 -10.32 6.01 43.00
C LEU D 126 -9.66 7.02 42.06
N ALA D 127 -9.25 8.18 42.58
CA ALA D 127 -8.52 9.15 41.77
C ALA D 127 -7.31 8.52 41.09
N ARG D 128 -6.45 7.88 41.87
CA ARG D 128 -5.25 7.24 41.34
C ARG D 128 -5.58 6.12 40.36
N ARG D 129 -6.58 5.30 40.69
CA ARG D 129 -6.99 4.22 39.79
C ARG D 129 -7.42 4.74 38.42
N ILE D 130 -8.09 5.89 38.37
CA ILE D 130 -8.58 6.40 37.10
C ILE D 130 -7.49 7.16 36.36
N ARG D 131 -6.63 7.90 37.08
CA ARG D 131 -5.42 8.47 36.50
C ARG D 131 -4.43 7.43 36.02
N GLY D 132 -4.64 6.15 36.35
CA GLY D 132 -3.72 5.10 35.99
C GLY D 132 -2.50 4.99 36.88
N GLU D 133 -2.47 5.69 38.03
CA GLU D 133 -1.34 5.60 38.92
C GLU D 133 -1.26 4.27 39.66
N ARG D 134 -2.29 3.43 39.54
CA ARG D 134 -2.30 2.13 40.20
C ARG D 134 -2.92 1.05 39.31
N VAL E 21 22.49 7.16 58.54
CA VAL E 21 21.18 6.81 57.99
C VAL E 21 20.10 7.68 58.64
N LEU E 22 19.03 7.95 57.90
CA LEU E 22 17.92 8.73 58.40
C LEU E 22 16.64 7.89 58.33
N ARG E 23 15.68 8.22 59.19
CA ARG E 23 14.49 7.38 59.32
C ARG E 23 13.27 8.23 59.66
N ASP E 24 12.10 7.74 59.25
CA ASP E 24 10.78 8.25 59.62
C ASP E 24 10.55 9.71 59.23
N ASN E 25 11.38 10.28 58.35
CA ASN E 25 11.18 11.67 57.96
C ASN E 25 9.93 11.90 57.11
N ILE E 26 9.24 10.84 56.69
CA ILE E 26 7.93 11.01 56.07
C ILE E 26 6.90 11.59 57.02
N GLN E 27 7.11 11.46 58.34
CA GLN E 27 6.33 12.22 59.30
C GLN E 27 6.71 13.70 59.37
N GLY E 28 7.65 14.16 58.54
CA GLY E 28 7.95 15.57 58.44
C GLY E 28 6.99 16.38 57.60
N ILE E 29 6.30 15.76 56.65
CA ILE E 29 5.11 16.38 56.08
C ILE E 29 3.93 16.23 57.04
N THR E 30 3.72 17.28 57.86
CA THR E 30 2.77 17.25 58.95
C THR E 30 1.34 17.24 58.43
N LYS E 31 0.41 16.95 59.35
CA LYS E 31 -1.01 17.00 59.03
C LYS E 31 -1.52 18.39 58.67
N PRO E 32 -1.11 19.49 59.33
CA PRO E 32 -1.45 20.82 58.81
C PRO E 32 -0.98 21.08 57.39
N ALA E 33 0.22 20.60 57.03
CA ALA E 33 0.67 20.71 55.64
C ALA E 33 -0.25 19.96 54.70
N ILE E 34 -0.73 18.78 55.09
CA ILE E 34 -1.70 18.05 54.28
C ILE E 34 -3.03 18.79 54.21
N ARG E 35 -3.43 19.47 55.29
CA ARG E 35 -4.59 20.36 55.21
C ARG E 35 -4.42 21.44 54.14
N ARG E 36 -3.31 22.18 54.21
CA ARG E 36 -3.05 23.22 53.21
C ARG E 36 -3.10 22.68 51.79
N LEU E 37 -2.47 21.53 51.55
CA LEU E 37 -2.50 20.94 50.22
C LEU E 37 -3.90 20.49 49.81
N ALA E 38 -4.71 20.04 50.77
CA ALA E 38 -6.08 19.63 50.47
C ALA E 38 -7.01 20.82 50.25
N ARG E 39 -6.88 21.86 51.09
CA ARG E 39 -7.66 23.08 50.92
C ARG E 39 -7.33 23.78 49.61
N ARG E 40 -6.05 23.78 49.22
CA ARG E 40 -5.66 24.26 47.90
C ARG E 40 -6.28 23.41 46.79
N GLY E 41 -6.56 22.15 47.06
CA GLY E 41 -7.35 21.35 46.14
C GLY E 41 -8.85 21.53 46.26
N GLY E 42 -9.32 22.44 47.11
CA GLY E 42 -10.73 22.70 47.26
C GLY E 42 -11.45 21.85 48.29
N VAL E 43 -10.74 20.95 48.98
CA VAL E 43 -11.38 20.06 49.94
C VAL E 43 -11.94 20.86 51.09
N LYS E 44 -13.20 20.56 51.45
CA LYS E 44 -13.81 21.18 52.63
C LYS E 44 -13.42 20.45 53.91
N ARG E 45 -13.70 19.15 53.98
CA ARG E 45 -13.48 18.36 55.19
C ARG E 45 -12.64 17.13 54.86
N ILE E 46 -11.81 16.74 55.82
CA ILE E 46 -10.75 15.74 55.61
C ILE E 46 -10.89 14.63 56.64
N SER E 47 -11.11 13.41 56.17
CA SER E 47 -11.11 12.26 57.06
C SER E 47 -9.75 12.10 57.73
N GLY E 48 -9.75 11.73 59.02
CA GLY E 48 -8.51 11.53 59.74
C GLY E 48 -7.63 10.42 59.19
N LEU E 49 -8.19 9.54 58.36
CA LEU E 49 -7.42 8.52 57.66
C LEU E 49 -6.75 9.03 56.39
N ILE E 50 -7.04 10.24 55.94
CA ILE E 50 -6.39 10.79 54.75
C ILE E 50 -4.91 11.00 55.00
N TYR E 51 -4.55 11.41 56.23
CA TYR E 51 -3.21 11.90 56.51
C TYR E 51 -2.14 10.84 56.28
N GLU E 52 -2.43 9.59 56.65
CA GLU E 52 -1.51 8.49 56.33
C GLU E 52 -1.62 8.05 54.88
N GLU E 53 -2.81 8.17 54.26
CA GLU E 53 -2.95 7.85 52.85
C GLU E 53 -2.16 8.82 51.96
N THR E 54 -2.14 10.09 52.34
CA THR E 54 -1.38 11.11 51.61
C THR E 54 0.12 10.82 51.62
N ARG E 55 0.62 10.31 52.74
CA ARG E 55 2.04 9.94 52.84
C ARG E 55 2.39 8.74 51.98
N GLY E 56 1.50 7.74 51.93
CA GLY E 56 1.70 6.63 50.99
C GLY E 56 1.64 7.04 49.54
N VAL E 57 1.01 8.17 49.23
CA VAL E 57 1.01 8.72 47.88
C VAL E 57 2.28 9.51 47.60
N LEU E 58 2.60 10.48 48.46
CA LEU E 58 3.80 11.30 48.27
C LEU E 58 5.07 10.48 48.23
N LYS E 59 5.19 9.47 49.10
CA LYS E 59 6.41 8.65 49.12
C LYS E 59 6.60 7.85 47.84
N VAL E 60 5.55 7.17 47.36
CA VAL E 60 5.67 6.40 46.13
C VAL E 60 5.96 7.30 44.93
N PHE E 61 5.43 8.53 44.95
CA PHE E 61 5.77 9.51 43.92
C PHE E 61 7.23 9.94 44.01
N LEU E 62 7.62 10.51 45.15
CA LEU E 62 8.96 11.11 45.29
C LEU E 62 10.09 10.09 45.17
N GLU E 63 9.85 8.83 45.53
CA GLU E 63 10.82 7.78 45.24
C GLU E 63 11.12 7.63 43.75
N ASN E 64 10.08 7.52 42.92
CA ASN E 64 10.30 7.24 41.51
C ASN E 64 10.70 8.46 40.70
N VAL E 65 10.56 9.68 41.23
CA VAL E 65 11.25 10.82 40.66
C VAL E 65 12.75 10.75 40.96
N ILE E 66 13.11 10.60 42.23
CA ILE E 66 14.51 10.61 42.65
C ILE E 66 15.29 9.43 42.07
N ARG E 67 14.65 8.27 41.89
CA ARG E 67 15.30 7.16 41.21
C ARG E 67 15.83 7.55 39.83
N ASP E 68 15.01 8.25 39.03
CA ASP E 68 15.48 8.73 37.74
C ASP E 68 16.46 9.89 37.87
N ALA E 69 16.21 10.84 38.79
CA ALA E 69 17.12 11.95 38.98
C ALA E 69 18.53 11.50 39.34
N VAL E 70 18.64 10.45 40.15
CA VAL E 70 19.95 9.88 40.48
C VAL E 70 20.54 9.10 39.31
N THR E 71 19.70 8.36 38.58
CA THR E 71 20.15 7.65 37.39
C THR E 71 20.67 8.62 36.32
N TYR E 72 20.05 9.79 36.19
CA TYR E 72 20.62 10.84 35.35
C TYR E 72 21.90 11.42 35.94
N THR E 73 21.97 11.55 37.26
CA THR E 73 23.18 12.05 37.90
C THR E 73 24.36 11.15 37.64
N GLU E 74 24.26 9.88 38.01
CA GLU E 74 25.42 9.00 37.96
C GLU E 74 25.88 8.68 36.55
N HIS E 75 25.00 8.83 35.55
CA HIS E 75 25.40 8.58 34.17
C HIS E 75 26.53 9.51 33.73
N ALA E 76 26.46 10.79 34.12
CA ALA E 76 27.55 11.72 33.89
C ALA E 76 28.69 11.58 34.90
N LYS E 77 28.74 10.50 35.66
CA LYS E 77 29.82 10.26 36.62
C LYS E 77 30.02 11.44 37.57
N ARG E 78 28.91 12.04 38.01
CA ARG E 78 28.90 13.13 38.95
C ARG E 78 28.24 12.68 40.25
N LYS E 79 28.19 13.58 41.23
CA LYS E 79 27.73 13.18 42.56
C LYS E 79 26.68 14.12 43.15
N THR E 80 26.71 15.40 42.78
CA THR E 80 25.55 16.26 43.00
C THR E 80 24.46 15.94 41.99
N VAL E 81 23.25 15.75 42.48
CA VAL E 81 22.04 15.79 41.66
C VAL E 81 21.68 17.24 41.38
N THR E 82 21.54 17.57 40.09
CA THR E 82 21.24 18.92 39.65
C THR E 82 19.75 19.08 39.37
N ALA E 83 19.32 20.36 39.33
CA ALA E 83 17.96 20.68 38.92
C ALA E 83 17.63 20.15 37.53
N MET E 84 18.63 20.08 36.64
CA MET E 84 18.42 19.49 35.32
C MET E 84 18.10 18.00 35.41
N ASP E 85 18.74 17.30 36.35
CA ASP E 85 18.40 15.88 36.55
C ASP E 85 16.97 15.72 37.05
N VAL E 86 16.54 16.59 37.97
CA VAL E 86 15.14 16.62 38.39
C VAL E 86 14.21 16.87 37.20
N VAL E 87 14.50 17.91 36.41
CA VAL E 87 13.69 18.23 35.25
C VAL E 87 13.56 17.05 34.29
N TYR E 88 14.66 16.33 34.03
CA TYR E 88 14.58 15.17 33.16
C TYR E 88 13.82 14.01 33.79
N ALA E 89 13.87 13.87 35.13
CA ALA E 89 13.06 12.87 35.81
C ALA E 89 11.57 13.20 35.74
N LEU E 90 11.21 14.46 36.01
CA LEU E 90 9.82 14.89 35.85
C LEU E 90 9.35 14.77 34.40
N LYS E 91 10.20 15.14 33.44
CA LYS E 91 9.90 14.95 32.03
C LYS E 91 9.71 13.48 31.66
N ARG E 92 10.23 12.55 32.46
CA ARG E 92 9.90 11.14 32.29
C ARG E 92 8.60 10.73 32.96
N GLN E 93 8.08 11.56 33.87
CA GLN E 93 6.67 11.43 34.24
C GLN E 93 5.75 12.02 33.18
N ARG F 11 40.85 -12.68 2.80
CA ARG F 11 39.45 -12.34 3.04
C ARG F 11 38.80 -13.48 3.82
N ALA F 12 38.82 -13.35 5.15
CA ALA F 12 38.42 -14.42 6.04
C ALA F 12 36.94 -14.75 5.93
N LYS F 13 36.59 -15.96 6.37
CA LYS F 13 35.21 -16.45 6.37
C LYS F 13 34.39 -15.65 7.38
N ALA F 14 33.41 -14.90 6.89
CA ALA F 14 32.63 -14.00 7.73
C ALA F 14 31.78 -14.79 8.72
N LYS F 15 31.70 -14.30 9.96
CA LYS F 15 30.74 -14.80 10.92
C LYS F 15 30.06 -13.62 11.61
N SER F 16 28.72 -13.68 11.67
CA SER F 16 27.90 -12.54 12.01
C SER F 16 28.25 -11.97 13.39
N ARG F 17 28.12 -10.65 13.51
CA ARG F 17 28.33 -9.97 14.79
C ARG F 17 27.41 -10.51 15.86
N SER F 18 26.21 -10.97 15.47
CA SER F 18 25.32 -11.69 16.39
C SER F 18 25.93 -12.98 16.91
N SER F 19 26.42 -13.83 16.01
CA SER F 19 27.08 -15.07 16.42
C SER F 19 28.24 -14.81 17.37
N ARG F 20 29.04 -13.77 17.10
CA ARG F 20 30.13 -13.45 18.02
C ARG F 20 29.61 -12.92 19.35
N ALA F 21 28.56 -12.09 19.32
CA ALA F 21 27.93 -11.66 20.56
C ALA F 21 27.17 -12.78 21.25
N GLY F 22 26.73 -13.80 20.51
CA GLY F 22 25.94 -14.88 21.07
C GLY F 22 24.45 -14.64 21.05
N LEU F 23 23.94 -13.89 20.09
CA LEU F 23 22.56 -13.44 20.08
C LEU F 23 21.86 -13.98 18.83
N GLN F 24 20.54 -14.21 18.96
CA GLN F 24 19.71 -14.36 17.78
C GLN F 24 19.37 -13.02 17.13
N PHE F 25 19.05 -12.00 17.91
CA PHE F 25 18.65 -10.73 17.34
C PHE F 25 19.80 -10.08 16.56
N PRO F 26 19.50 -9.40 15.46
CA PRO F 26 20.54 -8.97 14.51
C PRO F 26 21.28 -7.71 14.93
N VAL F 27 22.51 -7.87 15.42
CA VAL F 27 23.33 -6.72 15.79
C VAL F 27 23.59 -5.82 14.59
N GLY F 28 23.62 -6.39 13.39
CA GLY F 28 23.74 -5.61 12.17
C GLY F 28 22.61 -4.64 11.90
N ARG F 29 21.37 -5.14 11.86
CA ARG F 29 20.22 -4.26 11.73
C ARG F 29 20.15 -3.22 12.84
N VAL F 30 20.43 -3.63 14.08
CA VAL F 30 20.40 -2.70 15.20
C VAL F 30 21.48 -1.63 15.08
N HIS F 31 22.61 -1.97 14.45
CA HIS F 31 23.60 -0.94 14.16
C HIS F 31 23.13 0.01 13.07
N ARG F 32 22.67 -0.54 11.93
CA ARG F 32 22.13 0.29 10.86
C ARG F 32 20.99 1.19 11.33
N LEU F 33 20.00 0.61 12.00
CA LEU F 33 18.83 1.37 12.43
C LEU F 33 19.17 2.44 13.48
N LEU F 34 20.16 2.19 14.34
CA LEU F 34 20.65 3.25 15.20
C LEU F 34 21.35 4.37 14.42
N ARG F 35 21.85 4.09 13.22
CA ARG F 35 22.40 5.12 12.34
C ARG F 35 21.33 5.80 11.47
N LYS F 36 20.46 5.00 10.85
CA LYS F 36 19.43 5.58 9.97
C LYS F 36 18.48 6.50 10.72
N GLY F 37 18.21 6.21 11.99
CA GLY F 37 17.36 7.10 12.77
C GLY F 37 18.00 8.39 13.21
N ASN F 38 19.32 8.52 13.04
CA ASN F 38 20.06 9.72 13.43
C ASN F 38 19.81 10.10 14.88
N TYR F 39 19.73 9.06 15.73
CA TYR F 39 19.57 9.30 17.16
C TYR F 39 20.76 10.08 17.72
N ALA F 40 21.97 9.77 17.25
CA ALA F 40 23.14 10.59 17.50
C ALA F 40 24.13 10.40 16.36
N GLU F 41 25.13 11.29 16.32
CA GLU F 41 26.08 11.31 15.20
C GLU F 41 26.88 10.02 15.10
N ARG F 42 27.19 9.38 16.23
CA ARG F 42 28.11 8.24 16.26
C ARG F 42 27.47 7.11 17.05
N VAL F 43 27.64 5.89 16.55
CA VAL F 43 27.11 4.70 17.22
C VAL F 43 28.28 3.79 17.60
N GLY F 44 28.42 3.52 18.89
CA GLY F 44 29.47 2.64 19.36
C GLY F 44 29.34 1.24 18.81
N ALA F 45 30.44 0.49 18.88
CA ALA F 45 30.45 -0.88 18.39
C ALA F 45 29.62 -1.81 19.26
N GLY F 46 29.71 -1.65 20.59
CA GLY F 46 28.95 -2.48 21.51
C GLY F 46 27.53 -2.04 21.76
N ALA F 47 27.20 -0.79 21.46
CA ALA F 47 25.84 -0.30 21.67
C ALA F 47 24.78 -1.10 20.93
N PRO F 48 24.92 -1.41 19.64
CA PRO F 48 23.99 -2.37 19.01
C PRO F 48 23.99 -3.74 19.67
N VAL F 49 25.07 -4.15 20.30
CA VAL F 49 25.11 -5.47 20.93
C VAL F 49 24.30 -5.46 22.22
N TYR F 50 24.51 -4.46 23.07
CA TYR F 50 23.77 -4.33 24.31
C TYR F 50 22.27 -4.24 24.04
N LEU F 51 21.88 -3.39 23.10
CA LEU F 51 20.47 -3.22 22.74
C LEU F 51 19.86 -4.47 22.13
N ALA F 52 20.55 -5.10 21.17
CA ALA F 52 20.07 -6.36 20.59
C ALA F 52 19.91 -7.45 21.64
N ALA F 53 20.71 -7.43 22.70
CA ALA F 53 20.55 -8.39 23.79
C ALA F 53 19.29 -8.11 24.61
N VAL F 54 19.02 -6.85 24.90
CA VAL F 54 17.79 -6.50 25.62
C VAL F 54 16.55 -6.80 24.80
N LEU F 55 16.58 -6.48 23.50
CA LEU F 55 15.45 -6.83 22.63
C LEU F 55 15.19 -8.33 22.61
N GLU F 56 16.25 -9.14 22.56
CA GLU F 56 16.10 -10.59 22.61
C GLU F 56 15.56 -11.07 23.95
N TYR F 57 16.09 -10.54 25.05
CA TYR F 57 15.62 -10.90 26.39
C TYR F 57 14.13 -10.60 26.59
N LEU F 58 13.71 -9.36 26.34
CA LEU F 58 12.30 -9.00 26.51
C LEU F 58 11.38 -9.81 25.60
N THR F 59 11.82 -10.11 24.39
CA THR F 59 11.05 -11.01 23.54
C THR F 59 10.86 -12.38 24.18
N ALA F 60 11.88 -12.88 24.88
CA ALA F 60 11.75 -14.15 25.59
C ALA F 60 10.83 -14.04 26.80
N GLU F 61 10.89 -12.93 27.54
CA GLU F 61 9.93 -12.70 28.61
C GLU F 61 8.48 -12.77 28.13
N ILE F 62 8.15 -12.04 27.06
CA ILE F 62 6.80 -12.12 26.52
C ILE F 62 6.42 -13.55 26.15
N LEU F 63 7.27 -14.21 25.35
CA LEU F 63 6.90 -15.50 24.78
C LEU F 63 6.96 -16.66 25.77
N GLU F 64 7.75 -16.54 26.83
CA GLU F 64 7.67 -17.52 27.91
C GLU F 64 6.29 -17.52 28.57
N LEU F 65 5.87 -16.37 29.07
CA LEU F 65 4.56 -16.26 29.72
C LEU F 65 3.41 -16.51 28.74
N ALA F 66 3.55 -16.06 27.49
CA ALA F 66 2.52 -16.33 26.50
C ALA F 66 2.46 -17.80 26.09
N GLY F 67 3.60 -18.50 26.11
CA GLY F 67 3.57 -19.93 25.84
C GLY F 67 2.95 -20.74 26.96
N ASN F 68 3.15 -20.32 28.20
CA ASN F 68 2.41 -20.87 29.32
C ASN F 68 0.91 -20.64 29.17
N ALA F 69 0.50 -19.39 28.93
CA ALA F 69 -0.91 -19.07 28.71
C ALA F 69 -1.49 -19.84 27.52
N ALA F 70 -0.71 -20.00 26.45
CA ALA F 70 -1.17 -20.84 25.34
C ALA F 70 -1.38 -22.28 25.78
N ARG F 71 -0.47 -22.79 26.61
CA ARG F 71 -0.60 -24.14 27.17
C ARG F 71 -1.83 -24.25 28.07
N ASP F 72 -2.07 -23.25 28.92
CA ASP F 72 -3.30 -23.21 29.71
C ASP F 72 -4.55 -23.27 28.84
N ASN F 73 -4.58 -22.55 27.74
CA ASN F 73 -5.71 -22.66 26.82
C ASN F 73 -5.70 -23.96 26.00
N LYS F 74 -4.80 -24.90 26.30
CA LYS F 74 -4.67 -26.15 25.56
C LYS F 74 -4.35 -25.89 24.08
N LYS F 75 -3.56 -24.85 23.82
CA LYS F 75 -3.18 -24.46 22.48
C LYS F 75 -1.71 -24.76 22.26
N THR F 76 -1.37 -25.19 21.05
CA THR F 76 0.02 -25.30 20.62
C THR F 76 0.63 -23.97 20.23
N ARG F 77 -0.19 -22.97 19.90
CA ARG F 77 0.22 -21.87 19.08
C ARG F 77 -0.20 -20.56 19.74
N ILE F 78 0.73 -19.62 19.83
CA ILE F 78 0.49 -18.35 20.51
C ILE F 78 -0.40 -17.44 19.68
N ILE F 79 -1.27 -16.71 20.37
CA ILE F 79 -2.33 -15.89 19.77
C ILE F 79 -2.34 -14.55 20.48
N PRO F 80 -2.81 -13.49 19.79
CA PRO F 80 -2.83 -12.17 20.45
C PRO F 80 -3.54 -12.18 21.80
N ARG F 81 -4.54 -13.04 21.98
CA ARG F 81 -5.15 -13.25 23.29
C ARG F 81 -4.12 -13.62 24.35
N HIS F 82 -3.27 -14.59 24.06
CA HIS F 82 -2.26 -15.07 25.01
C HIS F 82 -1.20 -14.02 25.33
N LEU F 83 -0.86 -13.17 24.36
CA LEU F 83 0.02 -12.05 24.64
C LEU F 83 -0.59 -11.06 25.62
N GLN F 84 -1.87 -10.72 25.42
CA GLN F 84 -2.57 -9.83 26.36
C GLN F 84 -2.65 -10.43 27.76
N LEU F 85 -3.05 -11.69 27.87
CA LEU F 85 -3.12 -12.35 29.17
C LEU F 85 -1.77 -12.33 29.89
N ALA F 86 -0.71 -12.75 29.20
CA ALA F 86 0.63 -12.69 29.78
C ALA F 86 1.01 -11.27 30.21
N ILE F 87 0.86 -10.31 29.31
CA ILE F 87 1.29 -8.93 29.56
C ILE F 87 0.53 -8.31 30.73
N ARG F 88 -0.75 -8.60 30.89
CA ARG F 88 -1.51 -8.04 32.00
C ARG F 88 -1.37 -8.82 33.29
N ASN F 89 -1.18 -10.13 33.23
CA ASN F 89 -0.98 -10.90 34.46
C ASN F 89 0.36 -10.56 35.14
N ASP F 90 1.43 -10.42 34.36
CA ASP F 90 2.73 -10.07 34.93
C ASP F 90 2.78 -8.57 35.26
N GLU F 91 3.09 -8.28 36.53
CA GLU F 91 3.10 -6.90 37.01
C GLU F 91 4.03 -5.99 36.21
N GLU F 92 5.20 -6.50 35.83
CA GLU F 92 6.22 -5.66 35.21
C GLU F 92 5.99 -5.46 33.71
N LEU F 93 5.62 -6.53 33.00
CA LEU F 93 5.13 -6.36 31.63
C LEU F 93 3.91 -5.44 31.59
N ASN F 94 3.03 -5.55 32.58
CA ASN F 94 1.87 -4.67 32.64
C ASN F 94 2.28 -3.22 32.85
N LYS F 95 3.32 -2.98 33.66
CA LYS F 95 3.83 -1.63 33.84
C LYS F 95 4.60 -1.15 32.62
N LEU F 96 5.32 -2.05 31.96
CA LEU F 96 6.01 -1.70 30.73
C LEU F 96 5.04 -1.36 29.60
N LEU F 97 3.83 -1.94 29.63
CA LEU F 97 2.87 -1.81 28.53
C LEU F 97 1.54 -1.23 28.98
N GLY F 98 1.53 -0.45 30.06
CA GLY F 98 0.31 0.06 30.65
C GLY F 98 -0.42 1.11 29.85
N ARG F 99 0.14 1.53 28.70
CA ARG F 99 -0.53 2.42 27.77
C ARG F 99 -0.56 1.86 26.36
N VAL F 100 -0.41 0.55 26.21
CA VAL F 100 -0.39 -0.11 24.90
C VAL F 100 -1.69 -0.90 24.74
N THR F 101 -2.35 -0.70 23.61
CA THR F 101 -3.47 -1.53 23.19
C THR F 101 -2.97 -2.62 22.27
N ILE F 102 -3.36 -3.86 22.55
CA ILE F 102 -2.99 -5.01 21.73
C ILE F 102 -4.19 -5.42 20.88
N ALA F 103 -4.00 -5.39 19.56
CA ALA F 103 -5.04 -5.77 18.62
C ALA F 103 -5.56 -7.19 18.90
N GLN F 104 -6.89 -7.31 19.01
CA GLN F 104 -7.55 -8.56 19.39
C GLN F 104 -7.00 -9.15 20.69
N GLY F 105 -6.51 -8.30 21.59
CA GLY F 105 -6.13 -8.79 22.91
C GLY F 105 -7.31 -9.13 23.79
N GLY F 106 -8.41 -8.40 23.66
CA GLY F 106 -9.50 -8.45 24.60
C GLY F 106 -9.17 -7.79 25.93
N VAL F 107 -9.83 -8.27 26.99
CA VAL F 107 -9.57 -7.81 28.35
C VAL F 107 -9.30 -9.02 29.24
N LEU F 108 -8.78 -8.74 30.44
CA LEU F 108 -8.78 -9.72 31.51
C LEU F 108 -10.20 -9.98 32.00
N PRO F 109 -10.55 -11.23 32.26
CA PRO F 109 -11.77 -11.53 33.02
C PRO F 109 -11.71 -10.90 34.40
N ASN F 110 -12.65 -9.99 34.66
CA ASN F 110 -12.65 -9.25 35.93
C ASN F 110 -14.04 -8.70 36.17
N ILE F 111 -14.74 -9.24 37.17
CA ILE F 111 -16.06 -8.78 37.59
C ILE F 111 -15.95 -8.26 39.01
N GLN F 112 -16.32 -7.00 39.22
CA GLN F 112 -16.24 -6.39 40.55
C GLN F 112 -17.08 -7.16 41.55
N ALA F 113 -16.55 -7.26 42.78
CA ALA F 113 -17.13 -8.16 43.78
C ALA F 113 -18.57 -7.82 44.10
N VAL F 114 -18.91 -6.53 44.11
CA VAL F 114 -20.28 -6.09 44.39
C VAL F 114 -21.29 -6.54 43.35
N LEU F 115 -20.86 -6.86 42.14
CA LEU F 115 -21.80 -7.24 41.09
C LEU F 115 -22.28 -8.68 41.19
N LEU F 116 -21.49 -9.56 41.81
CA LEU F 116 -21.91 -10.94 41.95
C LEU F 116 -23.18 -11.05 42.81
N PRO F 117 -24.02 -12.05 42.55
CA PRO F 117 -25.34 -12.09 43.18
C PRO F 117 -25.26 -12.27 44.70
N LYS F 118 -26.24 -11.69 45.38
CA LYS F 118 -26.42 -11.89 46.81
C LYS F 118 -26.84 -13.33 47.10
N LYS F 119 -26.81 -13.69 48.38
CA LYS F 119 -27.50 -14.90 48.84
C LYS F 119 -29.00 -14.81 48.57
N ARG G 33 11.33 -4.76 -0.79
CA ARG G 33 11.81 -5.66 0.25
C ARG G 33 11.65 -5.10 1.66
N LYS G 34 10.66 -5.62 2.36
CA LYS G 34 10.42 -5.27 3.75
C LYS G 34 11.43 -5.97 4.66
N GLU G 35 11.40 -5.61 5.93
CA GLU G 35 12.25 -6.25 6.93
C GLU G 35 11.43 -6.52 8.19
N SER G 36 11.65 -7.70 8.77
CA SER G 36 10.85 -8.15 9.91
C SER G 36 11.75 -8.77 10.95
N TYR G 37 11.29 -8.76 12.19
CA TYR G 37 11.90 -9.50 13.28
C TYR G 37 11.40 -10.95 13.38
N SER G 38 10.54 -11.38 12.45
CA SER G 38 9.83 -12.65 12.60
C SER G 38 10.77 -13.83 12.74
N VAL G 39 11.85 -13.86 11.95
CA VAL G 39 12.78 -14.98 12.02
C VAL G 39 13.52 -15.00 13.35
N TYR G 40 13.84 -13.82 13.89
CA TYR G 40 14.49 -13.76 15.19
C TYR G 40 13.53 -14.06 16.34
N VAL G 41 12.28 -13.63 16.22
CA VAL G 41 11.25 -14.00 17.19
C VAL G 41 11.02 -15.50 17.21
N TYR G 42 10.89 -16.13 16.04
CA TYR G 42 10.82 -17.59 15.98
C TYR G 42 12.00 -18.26 16.67
N LYS G 43 13.21 -17.78 16.43
CA LYS G 43 14.38 -18.40 17.06
C LYS G 43 14.50 -18.09 18.54
N VAL G 44 13.78 -17.10 19.06
CA VAL G 44 13.57 -17.01 20.50
C VAL G 44 12.45 -17.94 20.96
N LEU G 45 11.33 -17.95 20.23
CA LEU G 45 10.20 -18.82 20.56
C LEU G 45 10.64 -20.28 20.68
N LYS G 46 11.37 -20.77 19.67
CA LYS G 46 11.83 -22.15 19.68
C LYS G 46 12.94 -22.43 20.69
N GLN G 47 13.45 -21.41 21.38
CA GLN G 47 14.30 -21.66 22.53
C GLN G 47 13.49 -21.78 23.82
N VAL G 48 12.63 -20.79 24.10
CA VAL G 48 11.86 -20.80 25.34
C VAL G 48 10.79 -21.87 25.33
N HIS G 49 10.20 -22.16 24.17
CA HIS G 49 9.16 -23.19 24.06
C HIS G 49 9.31 -23.92 22.73
N PRO G 50 10.23 -24.89 22.66
CA PRO G 50 10.52 -25.54 21.36
C PRO G 50 9.32 -26.22 20.75
N ASP G 51 8.27 -26.47 21.52
CA ASP G 51 7.04 -27.09 21.03
C ASP G 51 6.03 -26.09 20.48
N THR G 52 6.18 -24.81 20.75
CA THR G 52 5.10 -23.84 20.64
C THR G 52 5.23 -23.00 19.38
N GLY G 53 4.10 -22.76 18.72
CA GLY G 53 4.03 -21.95 17.53
C GLY G 53 3.63 -20.51 17.84
N ILE G 54 3.56 -19.71 16.78
CA ILE G 54 3.00 -18.37 16.86
C ILE G 54 2.22 -18.05 15.59
N SER G 55 1.04 -17.45 15.76
CA SER G 55 0.21 -17.03 14.64
C SER G 55 0.70 -15.71 14.08
N SER G 56 0.44 -15.51 12.79
CA SER G 56 0.91 -14.32 12.09
C SER G 56 0.47 -13.02 12.77
N LYS G 57 -0.77 -12.97 13.26
CA LYS G 57 -1.23 -11.78 13.96
C LYS G 57 -0.53 -11.58 15.30
N ALA G 58 -0.21 -12.68 15.99
CA ALA G 58 0.62 -12.59 17.18
C ALA G 58 2.04 -12.18 16.84
N MET G 59 2.61 -12.75 15.79
CA MET G 59 3.91 -12.28 15.30
C MET G 59 3.90 -10.79 14.94
N GLY G 60 2.80 -10.30 14.37
CA GLY G 60 2.66 -8.86 14.17
C GLY G 60 2.82 -8.03 15.43
N ILE G 61 2.19 -8.47 16.52
CA ILE G 61 2.36 -7.78 17.79
C ILE G 61 3.79 -7.88 18.31
N MET G 62 4.48 -8.98 18.01
CA MET G 62 5.90 -9.09 18.36
C MET G 62 6.75 -8.11 17.57
N ASN G 63 6.47 -7.95 16.28
CA ASN G 63 7.14 -6.90 15.49
C ASN G 63 6.87 -5.52 16.06
N SER G 64 5.60 -5.21 16.33
CA SER G 64 5.24 -3.92 16.91
C SER G 64 5.92 -3.71 18.27
N PHE G 65 5.96 -4.76 19.09
CA PHE G 65 6.61 -4.66 20.39
C PHE G 65 8.11 -4.37 20.28
N VAL G 66 8.81 -5.10 19.41
CA VAL G 66 10.24 -4.87 19.22
C VAL G 66 10.50 -3.48 18.66
N ASN G 67 9.74 -3.09 17.63
CA ASN G 67 9.87 -1.74 17.08
C ASN G 67 9.65 -0.67 18.13
N ASP G 68 8.58 -0.80 18.92
CA ASP G 68 8.25 0.22 19.91
C ASP G 68 9.28 0.30 21.04
N ILE G 69 9.77 -0.83 21.52
CA ILE G 69 10.75 -0.79 22.60
C ILE G 69 12.16 -0.46 22.11
N PHE G 70 12.53 -0.88 20.90
CA PHE G 70 13.77 -0.44 20.29
C PHE G 70 13.83 1.07 20.15
N GLU G 71 12.76 1.67 19.64
CA GLU G 71 12.68 3.12 19.48
C GLU G 71 12.58 3.86 20.82
N ARG G 72 11.87 3.29 21.80
CA ARG G 72 11.85 3.89 23.13
C ARG G 72 13.24 3.91 23.80
N ILE G 73 14.01 2.85 23.65
CA ILE G 73 15.37 2.85 24.20
C ILE G 73 16.26 3.82 23.45
N ALA G 74 16.31 3.69 22.11
CA ALA G 74 17.11 4.58 21.29
C ALA G 74 16.75 6.04 21.49
N GLY G 75 15.47 6.33 21.69
CA GLY G 75 15.06 7.69 22.04
C GLY G 75 15.65 8.21 23.34
N GLU G 76 15.61 7.39 24.39
CA GLU G 76 16.27 7.77 25.64
C GLU G 76 17.79 7.83 25.49
N ALA G 77 18.39 6.88 24.76
CA ALA G 77 19.82 6.93 24.54
C ALA G 77 20.24 8.18 23.78
N SER G 78 19.46 8.58 22.78
CA SER G 78 19.66 9.88 22.12
C SER G 78 19.63 11.04 23.11
N ARG G 79 18.62 11.08 23.98
CA ARG G 79 18.51 12.16 24.96
C ARG G 79 19.64 12.14 25.97
N LEU G 80 20.04 10.95 26.43
CA LEU G 80 21.17 10.85 27.36
C LEU G 80 22.47 11.36 26.74
N ALA G 81 22.72 11.00 25.48
CA ALA G 81 23.85 11.57 24.76
C ALA G 81 23.70 13.08 24.60
N HIS G 82 22.52 13.53 24.16
CA HIS G 82 22.25 14.96 24.03
C HIS G 82 22.43 15.70 25.36
N TYR G 83 21.87 15.17 26.45
CA TYR G 83 22.01 15.85 27.74
C TYR G 83 23.48 15.99 28.14
N ASN G 84 24.26 14.93 27.96
CA ASN G 84 25.68 14.95 28.31
C ASN G 84 26.53 15.76 27.33
N LYS G 85 25.96 16.19 26.21
CA LYS G 85 26.72 16.80 25.12
C LYS G 85 27.79 15.82 24.61
N ARG G 86 27.30 14.73 24.05
CA ARG G 86 28.14 13.67 23.50
C ARG G 86 27.61 13.29 22.13
N SER G 87 28.53 13.05 21.19
CA SER G 87 28.16 12.64 19.85
C SER G 87 27.93 11.15 19.71
N THR G 88 28.21 10.36 20.74
CA THR G 88 28.27 8.91 20.64
C THR G 88 27.18 8.29 21.48
N ILE G 89 26.36 7.42 20.87
CA ILE G 89 25.50 6.49 21.60
C ILE G 89 26.34 5.27 21.98
N THR G 90 26.86 5.26 23.21
CA THR G 90 27.58 4.10 23.72
C THR G 90 26.61 3.07 24.31
N SER G 91 27.19 1.92 24.67
CA SER G 91 26.48 0.95 25.52
C SER G 91 26.17 1.52 26.89
N ARG G 92 26.98 2.48 27.36
CA ARG G 92 26.65 3.17 28.60
C ARG G 92 25.35 3.96 28.49
N GLU G 93 25.12 4.59 27.33
CA GLU G 93 23.86 5.28 27.10
C GLU G 93 22.67 4.32 27.17
N ILE G 94 22.80 3.15 26.52
CA ILE G 94 21.72 2.18 26.53
C ILE G 94 21.53 1.52 27.89
N GLN G 95 22.62 1.32 28.64
CA GLN G 95 22.49 0.85 30.01
C GLN G 95 21.66 1.80 30.88
N THR G 96 21.99 3.10 30.87
CA THR G 96 21.21 4.05 31.63
C THR G 96 19.79 4.19 31.10
N ALA G 97 19.60 4.07 29.78
CA ALA G 97 18.25 4.03 29.22
C ALA G 97 17.46 2.83 29.72
N VAL G 98 18.07 1.64 29.69
CA VAL G 98 17.40 0.43 30.15
C VAL G 98 17.03 0.53 31.63
N ARG G 99 17.89 1.12 32.44
CA ARG G 99 17.57 1.34 33.85
C ARG G 99 16.57 2.45 34.09
N LEU G 100 16.23 3.25 33.08
CA LEU G 100 15.13 4.19 33.19
C LEU G 100 13.80 3.60 32.70
N LEU G 101 13.83 2.92 31.56
CA LEU G 101 12.60 2.50 30.89
C LEU G 101 12.00 1.21 31.45
N LEU G 102 12.81 0.36 32.11
CA LEU G 102 12.27 -0.92 32.57
C LEU G 102 11.96 -0.89 34.06
N PRO G 103 10.91 -1.62 34.45
CA PRO G 103 10.67 -1.91 35.87
C PRO G 103 11.84 -2.65 36.54
N GLY G 104 11.90 -2.48 37.86
CA GLY G 104 13.14 -2.71 38.60
C GLY G 104 13.78 -4.07 38.37
N GLU G 105 12.96 -5.12 38.27
CA GLU G 105 13.55 -6.43 38.06
C GLU G 105 13.80 -6.77 36.60
N LEU G 106 12.91 -6.34 35.69
CA LEU G 106 13.22 -6.41 34.27
C LEU G 106 14.47 -5.62 33.93
N ALA G 107 14.63 -4.44 34.52
CA ALA G 107 15.84 -3.65 34.35
C ALA G 107 17.10 -4.41 34.71
N LYS G 108 17.16 -4.99 35.92
CA LYS G 108 18.37 -5.68 36.35
C LYS G 108 18.66 -6.93 35.52
N HIS G 109 17.64 -7.75 35.24
CA HIS G 109 17.86 -8.92 34.38
C HIS G 109 18.30 -8.52 32.97
N ALA G 110 17.67 -7.51 32.39
CA ALA G 110 18.08 -7.03 31.07
C ALA G 110 19.49 -6.46 31.08
N VAL G 111 19.82 -5.65 32.10
CA VAL G 111 21.18 -5.15 32.26
C VAL G 111 22.18 -6.30 32.38
N SER G 112 21.81 -7.37 33.07
CA SER G 112 22.67 -8.54 33.14
C SER G 112 22.88 -9.17 31.77
N GLU G 113 21.79 -9.45 31.05
CA GLU G 113 21.90 -10.04 29.72
C GLU G 113 22.70 -9.16 28.77
N GLY G 114 22.44 -7.85 28.78
CA GLY G 114 23.18 -6.93 27.93
C GLY G 114 24.66 -6.83 28.24
N THR G 115 25.01 -6.77 29.53
CA THR G 115 26.41 -6.64 29.91
C THR G 115 27.25 -7.87 29.59
N LYS G 116 26.68 -9.07 29.65
CA LYS G 116 27.43 -10.25 29.23
C LYS G 116 27.48 -10.45 27.72
N ALA G 117 26.42 -10.08 26.99
CA ALA G 117 26.49 -10.10 25.53
C ALA G 117 27.61 -9.21 24.99
N VAL G 118 27.77 -8.01 25.56
CA VAL G 118 28.89 -7.15 25.18
C VAL G 118 30.22 -7.73 25.64
N THR G 119 30.27 -8.27 26.86
CA THR G 119 31.50 -8.85 27.37
C THR G 119 31.97 -10.06 26.55
N LYS G 120 31.05 -10.74 25.87
CA LYS G 120 31.45 -11.78 24.92
C LYS G 120 31.67 -11.27 23.51
N TYR G 121 31.18 -10.08 23.17
CA TYR G 121 31.51 -9.46 21.89
C TYR G 121 32.91 -8.87 21.92
N THR G 122 33.19 -8.04 22.92
CA THR G 122 34.54 -7.87 23.43
C THR G 122 35.14 -9.22 23.79
N SER G 123 36.46 -9.34 23.70
CA SER G 123 37.20 -10.60 23.76
C SER G 123 36.85 -11.54 22.62
N SER G 124 36.17 -11.05 21.59
CA SER G 124 36.18 -11.69 20.28
C SER G 124 36.72 -10.71 19.26
N LYS G 125 35.88 -10.27 18.32
CA LYS G 125 36.26 -9.19 17.41
C LYS G 125 35.04 -8.37 17.01
N LYS H 37 -46.71 -21.10 32.67
CA LYS H 37 -45.84 -19.98 33.01
C LYS H 37 -44.42 -20.21 32.52
N PRO H 38 -43.84 -19.22 31.84
CA PRO H 38 -42.46 -19.35 31.38
C PRO H 38 -41.49 -19.24 32.56
N HIS H 39 -40.41 -20.02 32.49
CA HIS H 39 -39.27 -19.78 33.35
C HIS H 39 -38.56 -18.49 32.95
N ARG H 40 -38.01 -17.80 33.94
CA ARG H 40 -37.46 -16.48 33.72
C ARG H 40 -36.30 -16.25 34.68
N TYR H 41 -35.12 -15.96 34.14
CA TYR H 41 -34.01 -15.53 34.98
C TYR H 41 -34.30 -14.16 35.58
N ARG H 42 -33.76 -13.94 36.77
CA ARG H 42 -34.01 -12.68 37.46
C ARG H 42 -33.27 -11.52 36.77
N PRO H 43 -33.79 -10.31 36.91
CA PRO H 43 -33.02 -9.10 36.55
C PRO H 43 -31.61 -9.05 37.10
N GLY H 44 -30.62 -8.89 36.21
CA GLY H 44 -29.23 -8.87 36.57
C GLY H 44 -28.50 -10.20 36.45
N THR H 45 -29.22 -11.31 36.34
CA THR H 45 -28.56 -12.61 36.18
C THR H 45 -27.91 -12.72 34.80
N VAL H 46 -28.63 -12.33 33.75
CA VAL H 46 -28.09 -12.40 32.39
C VAL H 46 -27.12 -11.27 32.07
N ALA H 47 -27.19 -10.15 32.79
CA ALA H 47 -26.11 -9.18 32.75
C ALA H 47 -24.78 -9.78 33.17
N LEU H 48 -24.78 -10.61 34.21
CA LEU H 48 -23.56 -11.32 34.59
C LEU H 48 -23.16 -12.37 33.56
N ARG H 49 -24.12 -13.14 33.06
CA ARG H 49 -23.83 -14.10 32.00
C ARG H 49 -23.29 -13.43 30.74
N GLU H 50 -23.75 -12.22 30.44
CA GLU H 50 -23.21 -11.46 29.32
C GLU H 50 -21.81 -10.92 29.59
N ILE H 51 -21.57 -10.39 30.79
CA ILE H 51 -20.21 -9.95 31.16
C ILE H 51 -19.21 -11.07 30.95
N ARG H 52 -19.53 -12.26 31.42
CA ARG H 52 -18.68 -13.43 31.23
C ARG H 52 -18.59 -13.89 29.77
N ARG H 53 -19.34 -13.28 28.86
CA ARG H 53 -19.27 -13.61 27.44
C ARG H 53 -18.45 -12.63 26.62
N TYR H 54 -18.57 -11.33 26.91
CA TYR H 54 -17.86 -10.29 26.21
C TYR H 54 -16.49 -10.01 26.82
N GLN H 55 -16.37 -10.11 28.14
CA GLN H 55 -15.06 -10.49 28.64
C GLN H 55 -14.81 -11.94 28.21
N LYS H 56 -13.56 -12.38 28.33
CA LYS H 56 -13.19 -13.72 27.89
C LYS H 56 -13.47 -13.91 26.40
N SER H 57 -13.42 -12.82 25.63
CA SER H 57 -13.52 -12.92 24.18
C SER H 57 -12.84 -11.71 23.56
N THR H 58 -12.53 -11.84 22.27
CA THR H 58 -11.76 -10.85 21.54
C THR H 58 -12.47 -10.27 20.32
N GLU H 59 -13.65 -10.78 19.96
CA GLU H 59 -14.38 -10.29 18.80
C GLU H 59 -14.56 -8.78 18.88
N LEU H 60 -14.59 -8.14 17.71
CA LEU H 60 -15.04 -6.76 17.63
C LEU H 60 -16.54 -6.67 17.92
N LEU H 61 -16.91 -5.68 18.73
CA LEU H 61 -18.27 -5.55 19.22
C LEU H 61 -19.09 -4.50 18.50
N ILE H 62 -18.45 -3.60 17.75
CA ILE H 62 -19.13 -2.67 16.87
C ILE H 62 -19.15 -3.25 15.46
N ARG H 63 -20.32 -3.21 14.83
CA ARG H 63 -20.48 -3.73 13.47
C ARG H 63 -19.58 -2.99 12.49
N LYS H 64 -19.01 -3.73 11.54
CA LYS H 64 -17.93 -3.20 10.71
C LYS H 64 -18.41 -2.05 9.84
N LEU H 65 -19.44 -2.31 9.02
CA LEU H 65 -19.89 -1.33 8.03
C LEU H 65 -20.38 -0.02 8.63
N PRO H 66 -21.21 0.00 9.67
CA PRO H 66 -21.52 1.28 10.34
C PRO H 66 -20.31 2.09 10.79
N PHE H 67 -19.28 1.44 11.33
CA PHE H 67 -18.09 2.18 11.74
C PHE H 67 -17.35 2.79 10.55
N GLN H 68 -17.27 2.05 9.44
CA GLN H 68 -16.68 2.61 8.22
C GLN H 68 -17.36 3.90 7.80
N ARG H 69 -18.69 3.90 7.73
CA ARG H 69 -19.41 5.09 7.28
C ARG H 69 -19.23 6.28 8.23
N LEU H 70 -19.29 6.05 9.54
CA LEU H 70 -18.97 7.12 10.49
C LEU H 70 -17.56 7.66 10.30
N VAL H 71 -16.59 6.78 10.05
CA VAL H 71 -15.22 7.21 9.80
C VAL H 71 -15.13 8.04 8.51
N ARG H 72 -15.79 7.58 7.45
CA ARG H 72 -15.81 8.33 6.20
C ARG H 72 -16.49 9.68 6.35
N GLU H 73 -17.58 9.75 7.11
CA GLU H 73 -18.18 11.04 7.44
C GLU H 73 -17.18 11.97 8.12
N ILE H 74 -16.55 11.51 9.19
CA ILE H 74 -15.63 12.36 9.93
C ILE H 74 -14.44 12.77 9.06
N ALA H 75 -14.03 11.86 8.18
CA ALA H 75 -13.01 12.17 7.18
C ALA H 75 -13.45 13.29 6.24
N GLN H 76 -14.68 13.19 5.71
CA GLN H 76 -15.22 14.27 4.87
C GLN H 76 -15.18 15.62 5.58
N ASP H 77 -15.45 15.63 6.89
CA ASP H 77 -15.38 16.88 7.63
C ASP H 77 -13.98 17.50 7.65
N PHE H 78 -12.95 16.75 7.28
CA PHE H 78 -11.57 17.21 7.31
C PHE H 78 -10.92 17.31 5.95
N LYS H 79 -11.13 16.33 5.07
CA LYS H 79 -10.56 16.36 3.74
C LYS H 79 -11.42 15.51 2.82
N THR H 80 -12.04 16.15 1.83
CA THR H 80 -12.88 15.45 0.87
C THR H 80 -12.04 14.65 -0.12
N ASP H 81 -12.67 13.62 -0.68
CA ASP H 81 -12.04 12.69 -1.63
C ASP H 81 -10.78 12.06 -1.07
N LEU H 82 -10.77 11.82 0.24
CA LEU H 82 -9.86 10.86 0.85
C LEU H 82 -10.24 9.43 0.47
N ARG H 83 -9.33 8.51 0.78
CA ARG H 83 -9.57 7.08 0.72
C ARG H 83 -8.98 6.43 1.95
N PHE H 84 -9.42 5.22 2.25
CA PHE H 84 -8.93 4.48 3.41
C PHE H 84 -8.56 3.07 3.00
N GLN H 85 -7.38 2.62 3.43
CA GLN H 85 -7.10 1.19 3.45
C GLN H 85 -8.02 0.47 4.41
N SER H 86 -8.36 -0.78 4.05
CA SER H 86 -9.08 -1.67 4.95
C SER H 86 -8.42 -1.78 6.32
N SER H 87 -7.10 -1.99 6.34
CA SER H 87 -6.34 -2.04 7.59
C SER H 87 -6.27 -0.71 8.31
N ALA H 88 -6.57 0.41 7.64
CA ALA H 88 -6.62 1.69 8.34
C ALA H 88 -7.90 1.86 9.15
N VAL H 89 -9.05 1.50 8.57
CA VAL H 89 -10.30 1.54 9.31
C VAL H 89 -10.39 0.42 10.36
N MET H 90 -9.77 -0.73 10.10
CA MET H 90 -9.59 -1.73 11.16
C MET H 90 -8.73 -1.19 12.30
N ALA H 91 -7.56 -0.63 11.99
CA ALA H 91 -6.70 -0.07 13.04
C ALA H 91 -7.45 0.98 13.85
N LEU H 92 -8.27 1.78 13.17
CA LEU H 92 -9.01 2.87 13.82
C LEU H 92 -10.16 2.35 14.67
N GLN H 93 -10.82 1.27 14.21
CA GLN H 93 -11.85 0.61 15.01
C GLN H 93 -11.29 -0.01 16.28
N GLU H 94 -10.22 -0.80 16.16
CA GLU H 94 -9.60 -1.41 17.33
C GLU H 94 -9.22 -0.40 18.40
N ALA H 95 -8.65 0.74 17.99
CA ALA H 95 -8.33 1.80 18.93
C ALA H 95 -9.57 2.39 19.59
N CYS H 96 -10.64 2.60 18.82
CA CYS H 96 -11.89 3.12 19.40
C CYS H 96 -12.49 2.16 20.42
N GLU H 97 -12.72 0.91 20.04
CA GLU H 97 -13.35 -0.05 20.93
C GLU H 97 -12.57 -0.23 22.22
N ALA H 98 -11.25 -0.37 22.12
CA ALA H 98 -10.40 -0.42 23.30
C ALA H 98 -10.52 0.84 24.16
N TYR H 99 -10.70 2.00 23.53
CA TYR H 99 -10.92 3.23 24.30
C TYR H 99 -12.26 3.21 25.04
N LEU H 100 -13.32 2.72 24.39
CA LEU H 100 -14.62 2.68 25.04
C LEU H 100 -14.72 1.60 26.11
N VAL H 101 -14.20 0.40 25.82
CA VAL H 101 -14.14 -0.66 26.83
C VAL H 101 -13.34 -0.21 28.04
N GLY H 102 -12.18 0.40 27.81
CA GLY H 102 -11.39 0.92 28.91
C GLY H 102 -12.01 2.08 29.64
N LEU H 103 -12.81 2.90 28.95
CA LEU H 103 -13.53 3.99 29.61
C LEU H 103 -14.62 3.46 30.54
N PHE H 104 -15.42 2.51 30.05
CA PHE H 104 -16.51 1.96 30.86
C PHE H 104 -16.02 1.42 32.19
N GLU H 105 -14.88 0.73 32.21
CA GLU H 105 -14.26 0.30 33.47
C GLU H 105 -14.14 1.45 34.46
N ASP H 106 -13.62 2.59 34.02
CA ASP H 106 -13.46 3.72 34.93
C ASP H 106 -14.80 4.31 35.36
N THR H 107 -15.83 4.20 34.53
CA THR H 107 -17.16 4.67 34.94
C THR H 107 -17.84 3.68 35.87
N ASN H 108 -17.65 2.39 35.63
CA ASN H 108 -18.14 1.36 36.55
C ASN H 108 -17.58 1.57 37.95
N LEU H 109 -16.29 1.88 38.05
CA LEU H 109 -15.69 2.17 39.34
C LEU H 109 -16.26 3.44 39.96
N CYS H 110 -16.62 4.43 39.15
CA CYS H 110 -17.31 5.61 39.69
C CYS H 110 -18.71 5.26 40.18
N ALA H 111 -19.47 4.51 39.38
CA ALA H 111 -20.78 4.04 39.81
C ALA H 111 -20.70 3.25 41.10
N ILE H 112 -19.83 2.25 41.14
CA ILE H 112 -19.63 1.39 42.30
C ILE H 112 -19.05 2.17 43.48
N HIS H 113 -18.42 3.31 43.22
CA HIS H 113 -17.89 4.13 44.31
C HIS H 113 -18.97 4.94 45.01
N ALA H 114 -19.87 5.57 44.25
CA ALA H 114 -21.20 5.86 44.78
C ALA H 114 -21.89 4.55 45.13
N LYS H 115 -23.08 4.63 45.73
CA LYS H 115 -23.73 3.42 46.23
C LYS H 115 -24.24 2.52 45.11
N ARG H 116 -24.06 2.91 43.86
CA ARG H 116 -24.88 2.41 42.76
C ARG H 116 -24.29 1.18 42.10
N VAL H 117 -25.19 0.37 41.53
CA VAL H 117 -24.84 -0.66 40.55
C VAL H 117 -25.02 -0.15 39.12
N THR H 118 -25.70 0.97 38.93
CA THR H 118 -26.05 1.49 37.61
C THR H 118 -25.13 2.64 37.27
N ILE H 119 -24.47 2.55 36.11
CA ILE H 119 -23.70 3.67 35.56
C ILE H 119 -24.64 4.70 34.95
N MET H 120 -24.29 5.95 35.11
CA MET H 120 -25.06 7.10 34.65
C MET H 120 -24.11 8.06 33.94
N PRO H 121 -24.65 8.99 33.14
CA PRO H 121 -23.78 9.97 32.46
C PRO H 121 -22.81 10.70 33.38
N LYS H 122 -23.22 11.04 34.60
CA LYS H 122 -22.31 11.71 35.53
C LYS H 122 -21.10 10.85 35.90
N ASP H 123 -21.17 9.54 35.72
CA ASP H 123 -19.99 8.70 35.93
C ASP H 123 -18.99 8.81 34.79
N ILE H 124 -19.46 8.73 33.55
CA ILE H 124 -18.62 9.08 32.40
C ILE H 124 -18.01 10.46 32.55
N GLN H 125 -18.81 11.44 32.99
CA GLN H 125 -18.32 12.80 33.12
C GLN H 125 -17.29 12.93 34.23
N LEU H 126 -17.44 12.18 35.32
CA LEU H 126 -16.40 12.16 36.34
C LEU H 126 -15.16 11.42 35.86
N ALA H 127 -15.33 10.24 35.27
CA ALA H 127 -14.20 9.44 34.81
C ALA H 127 -13.33 10.23 33.84
N ARG H 128 -13.94 10.84 32.83
CA ARG H 128 -13.22 11.63 31.84
C ARG H 128 -12.61 12.89 32.44
N ARG H 129 -13.20 13.46 33.48
CA ARG H 129 -12.57 14.58 34.16
C ARG H 129 -11.38 14.15 35.01
N ILE H 130 -11.47 12.99 35.67
CA ILE H 130 -10.33 12.48 36.41
C ILE H 130 -9.21 12.09 35.45
N ARG H 131 -9.56 11.43 34.34
CA ARG H 131 -8.57 11.13 33.30
C ARG H 131 -7.91 12.39 32.74
N GLY H 132 -8.64 13.52 32.74
CA GLY H 132 -8.18 14.73 32.12
C GLY H 132 -8.61 14.93 30.68
N GLU H 133 -9.45 14.04 30.14
CA GLU H 133 -10.07 14.31 28.84
C GLU H 133 -11.05 15.47 28.94
N ARG H 134 -11.79 15.56 30.05
CA ARG H 134 -12.83 16.56 30.25
C ARG H 134 -12.29 17.81 30.94
N ARG I 23 -26.80 12.61 7.92
CA ARG I 23 -26.07 11.36 7.71
C ARG I 23 -26.14 10.50 8.99
N ASP I 24 -25.64 11.06 10.08
CA ASP I 24 -25.84 10.56 11.46
C ASP I 24 -25.51 9.07 11.60
N ASN I 25 -24.46 8.61 10.91
CA ASN I 25 -23.97 7.26 11.13
C ASN I 25 -23.47 7.04 12.55
N ILE I 26 -23.37 8.10 13.36
CA ILE I 26 -23.14 7.96 14.80
C ILE I 26 -24.28 7.17 15.44
N GLN I 27 -25.49 7.25 14.88
CA GLN I 27 -26.58 6.39 15.29
C GLN I 27 -26.39 4.94 14.85
N GLY I 28 -25.44 4.67 13.96
CA GLY I 28 -25.05 3.32 13.64
C GLY I 28 -24.22 2.63 14.70
N ILE I 29 -23.70 3.39 15.66
CA ILE I 29 -23.24 2.82 16.93
C ILE I 29 -24.47 2.55 17.78
N THR I 30 -25.09 1.38 17.58
CA THR I 30 -26.40 1.10 18.13
C THR I 30 -26.35 0.87 19.64
N LYS I 31 -27.54 0.85 20.23
CA LYS I 31 -27.69 0.55 21.65
C LYS I 31 -27.12 -0.82 22.05
N PRO I 32 -27.36 -1.90 21.31
CA PRO I 32 -26.75 -3.19 21.71
C PRO I 32 -25.23 -3.21 21.65
N ALA I 33 -24.63 -2.50 20.69
CA ALA I 33 -23.16 -2.43 20.62
C ALA I 33 -22.59 -1.72 21.85
N ILE I 34 -23.14 -0.56 22.21
CA ILE I 34 -22.71 0.13 23.42
C ILE I 34 -22.95 -0.74 24.65
N ARG I 35 -24.01 -1.54 24.63
CA ARG I 35 -24.23 -2.55 25.67
C ARG I 35 -23.12 -3.59 25.71
N ARG I 36 -22.84 -4.22 24.57
CA ARG I 36 -21.74 -5.19 24.48
C ARG I 36 -20.40 -4.62 24.95
N LEU I 37 -20.08 -3.39 24.57
CA LEU I 37 -18.84 -2.77 25.03
C LEU I 37 -18.83 -2.59 26.55
N ALA I 38 -19.96 -2.20 27.12
CA ALA I 38 -20.08 -2.07 28.57
C ALA I 38 -20.04 -3.41 29.29
N ARG I 39 -20.50 -4.48 28.65
CA ARG I 39 -20.32 -5.81 29.24
C ARG I 39 -18.83 -6.19 29.32
N ARG I 40 -18.09 -5.98 28.24
CA ARG I 40 -16.65 -6.21 28.29
C ARG I 40 -15.97 -5.28 29.29
N GLY I 41 -16.44 -4.04 29.40
CA GLY I 41 -16.01 -3.19 30.49
C GLY I 41 -16.51 -3.59 31.87
N GLY I 42 -17.27 -4.68 31.97
CA GLY I 42 -17.66 -5.19 33.26
C GLY I 42 -18.85 -4.51 33.93
N VAL I 43 -19.76 -3.93 33.15
CA VAL I 43 -20.83 -3.09 33.69
C VAL I 43 -22.10 -3.92 33.76
N LYS I 44 -22.73 -3.93 34.94
CA LYS I 44 -23.93 -4.75 35.13
C LYS I 44 -25.20 -4.04 34.68
N ARG I 45 -25.37 -2.77 35.02
CA ARG I 45 -26.64 -2.09 34.81
C ARG I 45 -26.40 -0.70 34.23
N ILE I 46 -27.13 -0.35 33.17
CA ILE I 46 -26.81 0.80 32.33
C ILE I 46 -28.03 1.71 32.24
N SER I 47 -27.90 2.93 32.75
CA SER I 47 -28.92 3.96 32.53
C SER I 47 -29.12 4.20 31.04
N GLY I 48 -30.38 4.24 30.61
CA GLY I 48 -30.71 4.55 29.22
C GLY I 48 -30.19 5.87 28.71
N LEU I 49 -29.81 6.79 29.60
CA LEU I 49 -29.16 8.02 29.18
C LEU I 49 -27.70 7.82 28.75
N ILE I 50 -27.09 6.69 29.10
CA ILE I 50 -25.69 6.44 28.79
C ILE I 50 -25.44 6.39 27.29
N TYR I 51 -26.41 5.90 26.52
CA TYR I 51 -26.17 5.61 25.09
C TYR I 51 -25.85 6.86 24.29
N GLU I 52 -26.64 7.91 24.44
CA GLU I 52 -26.34 9.16 23.74
C GLU I 52 -25.06 9.83 24.27
N GLU I 53 -24.77 9.69 25.56
CA GLU I 53 -23.48 10.16 26.08
C GLU I 53 -22.30 9.42 25.45
N THR I 54 -22.43 8.11 25.27
CA THR I 54 -21.34 7.30 24.72
C THR I 54 -21.06 7.62 23.25
N ARG I 55 -22.10 7.85 22.46
CA ARG I 55 -21.92 8.32 21.08
C ARG I 55 -21.18 9.65 21.02
N GLY I 56 -21.51 10.60 21.88
CA GLY I 56 -20.78 11.85 21.93
C GLY I 56 -19.32 11.70 22.29
N VAL I 57 -19.00 10.76 23.16
CA VAL I 57 -17.61 10.51 23.57
C VAL I 57 -16.81 9.81 22.47
N LEU I 58 -17.41 8.82 21.80
CA LEU I 58 -16.73 8.14 20.71
C LEU I 58 -16.33 9.07 19.56
N LYS I 59 -17.25 9.91 19.08
CA LYS I 59 -16.90 10.78 17.96
C LYS I 59 -15.86 11.84 18.30
N VAL I 60 -15.87 12.37 19.53
CA VAL I 60 -14.81 13.28 19.96
C VAL I 60 -13.45 12.59 19.96
N PHE I 61 -13.42 11.28 20.19
CA PHE I 61 -12.19 10.52 20.00
C PHE I 61 -11.78 10.47 18.53
N LEU I 62 -12.67 9.98 17.66
CA LEU I 62 -12.40 9.89 16.24
C LEU I 62 -12.05 11.24 15.61
N GLU I 63 -12.68 12.32 16.05
CA GLU I 63 -12.37 13.65 15.55
C GLU I 63 -10.95 14.13 15.86
N ASN I 64 -10.22 13.44 16.74
CA ASN I 64 -8.81 13.75 16.97
C ASN I 64 -7.86 12.79 16.26
N VAL I 65 -8.15 11.50 16.28
CA VAL I 65 -7.27 10.52 15.64
C VAL I 65 -7.27 10.68 14.12
N ILE I 66 -8.45 10.83 13.51
CA ILE I 66 -8.50 10.95 12.06
C ILE I 66 -7.85 12.25 11.56
N ARG I 67 -8.04 13.36 12.26
CA ARG I 67 -7.42 14.60 11.80
C ARG I 67 -5.90 14.51 11.85
N ASP I 68 -5.34 13.80 12.83
CA ASP I 68 -3.90 13.56 12.83
C ASP I 68 -3.49 12.54 11.77
N ALA I 69 -4.26 11.46 11.62
CA ALA I 69 -3.98 10.49 10.56
C ALA I 69 -4.03 11.12 9.18
N VAL I 70 -4.98 12.02 8.96
CA VAL I 70 -5.06 12.78 7.70
C VAL I 70 -3.89 13.75 7.58
N THR I 71 -3.56 14.46 8.66
CA THR I 71 -2.37 15.30 8.67
C THR I 71 -1.11 14.55 8.24
N TYR I 72 -0.94 13.30 8.68
CA TYR I 72 0.17 12.49 8.18
C TYR I 72 0.06 12.21 6.68
N THR I 73 -1.12 11.79 6.20
CA THR I 73 -1.27 11.53 4.77
C THR I 73 -1.06 12.79 3.94
N GLU I 74 -1.56 13.93 4.43
CA GLU I 74 -1.37 15.20 3.73
C GLU I 74 0.10 15.63 3.74
N HIS I 75 0.73 15.64 4.92
CA HIS I 75 2.12 16.03 5.02
C HIS I 75 3.06 15.08 4.27
N ALA I 76 2.72 13.80 4.21
CA ALA I 76 3.49 12.85 3.41
C ALA I 76 2.96 12.71 1.99
N LYS I 77 2.05 13.59 1.58
CA LYS I 77 1.67 13.74 0.18
C LYS I 77 1.20 12.43 -0.45
N ARG I 78 0.23 11.79 0.20
CA ARG I 78 -0.51 10.68 -0.37
C ARG I 78 -2.00 10.98 -0.29
N LYS I 79 -2.74 10.51 -1.30
CA LYS I 79 -4.19 10.69 -1.35
C LYS I 79 -4.94 9.43 -0.89
N THR I 80 -4.37 8.69 0.04
CA THR I 80 -5.07 7.61 0.72
C THR I 80 -4.54 7.52 2.13
N VAL I 81 -5.37 7.03 3.05
CA VAL I 81 -5.00 6.89 4.45
C VAL I 81 -4.63 5.43 4.72
N THR I 82 -3.41 5.23 5.21
CA THR I 82 -2.88 3.90 5.46
C THR I 82 -3.00 3.54 6.94
N ALA I 83 -2.88 2.24 7.23
CA ALA I 83 -2.89 1.77 8.62
C ALA I 83 -1.85 2.47 9.48
N MET I 84 -0.66 2.73 8.92
CA MET I 84 0.43 3.29 9.72
C MET I 84 0.23 4.76 10.04
N ASP I 85 -0.51 5.48 9.19
CA ASP I 85 -0.93 6.84 9.52
C ASP I 85 -1.72 6.89 10.82
N VAL I 86 -2.66 5.95 10.98
CA VAL I 86 -3.40 5.82 12.23
C VAL I 86 -2.49 5.50 13.41
N VAL I 87 -1.60 4.53 13.24
CA VAL I 87 -0.74 4.12 14.35
C VAL I 87 0.16 5.25 14.82
N TYR I 88 0.73 6.04 13.90
CA TYR I 88 1.43 7.24 14.31
C TYR I 88 0.50 8.24 15.00
N ALA I 89 -0.71 8.40 14.46
CA ALA I 89 -1.68 9.32 15.06
C ALA I 89 -2.06 8.89 16.47
N LEU I 90 -2.27 7.59 16.68
CA LEU I 90 -2.50 7.06 18.01
C LEU I 90 -1.29 7.21 18.92
N LYS I 91 -0.13 6.75 18.47
CA LYS I 91 1.09 6.84 19.27
C LYS I 91 1.38 8.26 19.71
N ARG I 92 1.15 9.24 18.83
CA ARG I 92 1.36 10.64 19.18
C ARG I 92 0.36 11.15 20.23
N GLN I 93 -0.78 10.49 20.41
CA GLN I 93 -1.70 10.85 21.50
C GLN I 93 -1.71 9.82 22.62
N GLY I 94 -0.68 8.97 22.70
CA GLY I 94 -0.49 8.12 23.86
C GLY I 94 -1.31 6.86 23.93
N ARG I 95 -1.77 6.34 22.80
CA ARG I 95 -2.61 5.15 22.76
C ARG I 95 -2.02 4.11 21.82
N THR I 96 -0.74 3.80 22.04
CA THR I 96 0.01 2.89 21.19
C THR I 96 -0.76 1.62 20.88
N LEU I 97 -0.83 1.27 19.60
CA LEU I 97 -1.56 0.11 19.10
C LEU I 97 -0.58 -0.85 18.46
N TYR I 98 -0.55 -2.09 18.96
CA TYR I 98 0.29 -3.14 18.40
C TYR I 98 -0.54 -4.06 17.50
N GLY I 99 -0.02 -4.38 16.33
CA GLY I 99 -0.69 -5.28 15.41
C GLY I 99 -0.88 -4.76 14.00
N PHE I 100 -0.81 -3.46 13.81
CA PHE I 100 -1.10 -2.85 12.52
C PHE I 100 0.12 -2.12 11.97
N GLY I 101 1.25 -2.80 11.91
CA GLY I 101 2.54 -2.14 11.89
C GLY I 101 2.98 -1.75 13.29
N GLY I 102 3.24 -0.47 13.51
CA GLY I 102 3.58 0.01 14.83
C GLY I 102 4.98 -0.35 15.28
#